data_2XQL
#
_entry.id   2XQL
#
_cell.length_a   1.000
_cell.length_b   1.000
_cell.length_c   1.000
_cell.angle_alpha   90.00
_cell.angle_beta   90.00
_cell.angle_gamma   90.00
#
_symmetry.space_group_name_H-M   'P 1'
#
loop_
_entity.id
_entity.type
_entity.pdbx_description
1 polymer 'HISTONE H2A-IV'
2 polymer 'HISTONE H2B 5'
#
loop_
_entity_poly.entity_id
_entity_poly.type
_entity_poly.pdbx_seq_one_letter_code
_entity_poly.pdbx_strand_id
1 'polypeptide(L)'
;KSRSSRAGLQFPVGRVHRLLRKGNYAERVGAGAPVYLAAVLEYLTAEILELAGNAARDNKKTRIIPRHLQLAIRNDEELN
KLLGKVTIAQG
;
A,C,E,G,I
2 'polypeptide(L)'
;SYSIYVYKVLKQVHPDTGISSKAMGIMNSFVNDIFERIAGEASRLAHYNKRSTITSREIQTAVRLLLPGELAKHAVSEGT
KAVTKYTSSK
;
B,D,F,H,J
#
# COMPACT_ATOMS: atom_id res chain seq x y z
N LYS A 1 24.09 -42.72 15.56
CA LYS A 1 23.32 -41.52 16.02
C LYS A 1 22.54 -40.89 14.87
N SER A 2 21.48 -40.17 15.24
CA SER A 2 20.57 -39.47 14.32
C SER A 2 21.23 -38.49 13.34
N ARG A 3 20.83 -38.56 12.07
CA ARG A 3 21.36 -37.66 11.05
C ARG A 3 20.90 -36.23 11.30
N SER A 4 19.74 -36.11 11.94
CA SER A 4 19.15 -34.82 12.26
C SER A 4 19.92 -34.18 13.41
N SER A 5 20.39 -35.01 14.35
CA SER A 5 21.17 -34.50 15.48
C SER A 5 22.62 -34.25 15.08
N ARG A 6 23.18 -35.11 14.23
CA ARG A 6 24.55 -34.95 13.75
C ARG A 6 24.71 -33.61 13.04
N ALA A 7 23.63 -33.18 12.39
CA ALA A 7 23.60 -31.91 11.65
C ALA A 7 23.07 -30.78 12.52
N GLY A 8 22.75 -31.10 13.77
CA GLY A 8 22.23 -30.11 14.69
C GLY A 8 20.96 -29.48 14.16
N LEU A 9 19.98 -30.33 13.84
CA LEU A 9 18.71 -29.86 13.29
C LEU A 9 17.49 -30.51 13.94
N GLN A 10 16.34 -29.88 13.72
CA GLN A 10 15.08 -30.36 14.21
C GLN A 10 14.36 -31.11 13.09
N PHE A 11 14.33 -30.50 11.91
CA PHE A 11 13.68 -31.14 10.78
C PHE A 11 14.35 -32.47 10.42
N PRO A 12 13.54 -33.47 10.06
CA PRO A 12 13.97 -34.82 9.70
C PRO A 12 14.79 -34.91 8.45
N VAL A 13 16.10 -35.05 8.63
CA VAL A 13 17.00 -35.16 7.49
C VAL A 13 16.59 -36.39 6.67
N GLY A 14 16.37 -37.49 7.38
CA GLY A 14 16.00 -38.74 6.76
C GLY A 14 14.79 -38.63 5.88
N ARG A 15 13.72 -38.07 6.46
CA ARG A 15 12.48 -37.88 5.70
C ARG A 15 12.74 -37.11 4.43
N VAL A 16 13.41 -35.98 4.57
CA VAL A 16 13.73 -35.12 3.42
C VAL A 16 14.51 -35.93 2.41
N HIS A 17 15.37 -36.82 2.89
CA HIS A 17 16.18 -37.65 2.00
C HIS A 17 15.29 -38.59 1.18
N ARG A 18 14.28 -39.16 1.84
CA ARG A 18 13.34 -40.08 1.18
C ARG A 18 12.58 -39.33 0.11
N LEU A 19 12.02 -38.19 0.49
CA LEU A 19 11.27 -37.36 -0.43
C LEU A 19 12.08 -36.97 -1.66
N LEU A 20 13.36 -36.66 -1.49
CA LEU A 20 14.18 -36.29 -2.63
C LEU A 20 14.27 -37.44 -3.64
N ARG A 21 14.49 -38.65 -3.20
CA ARG A 21 14.61 -39.72 -4.20
C ARG A 21 13.21 -40.19 -4.69
N LYS A 22 12.24 -40.40 -3.79
CA LYS A 22 10.90 -40.91 -4.15
C LYS A 22 10.32 -40.07 -5.29
N GLY A 23 10.41 -38.74 -5.03
CA GLY A 23 9.95 -37.62 -5.86
C GLY A 23 10.33 -37.68 -7.35
N ASN A 24 11.36 -38.44 -7.63
CA ASN A 24 11.91 -38.67 -8.96
C ASN A 24 12.44 -37.41 -9.56
N TYR A 25 12.97 -36.63 -8.63
CA TYR A 25 13.63 -35.38 -8.93
C TYR A 25 14.99 -35.68 -9.57
N ALA A 26 15.74 -36.50 -8.84
CA ALA A 26 17.06 -36.93 -9.30
C ALA A 26 17.18 -38.40 -9.62
N GLU A 27 18.31 -38.71 -10.17
CA GLU A 27 18.73 -40.08 -10.50
C GLU A 27 19.27 -40.67 -9.22
N ARG A 28 20.20 -39.93 -8.58
CA ARG A 28 20.73 -40.23 -7.27
C ARG A 28 21.00 -38.89 -6.55
N VAL A 29 20.48 -38.71 -5.35
CA VAL A 29 20.72 -37.49 -4.57
C VAL A 29 21.86 -37.76 -3.60
N GLY A 30 22.74 -36.76 -3.50
CA GLY A 30 23.90 -36.84 -2.64
C GLY A 30 23.60 -36.90 -1.14
N ALA A 31 24.64 -36.95 -0.34
CA ALA A 31 24.50 -37.05 1.12
C ALA A 31 24.13 -35.73 1.82
N GLY A 32 24.74 -34.64 1.38
CA GLY A 32 24.49 -33.34 1.98
C GLY A 32 23.23 -32.66 1.51
N ALA A 33 22.68 -33.14 0.40
CA ALA A 33 21.49 -32.55 -0.15
C ALA A 33 20.36 -32.44 0.87
N PRO A 34 19.85 -33.58 1.38
CA PRO A 34 18.75 -33.46 2.35
C PRO A 34 19.10 -32.67 3.60
N VAL A 35 20.36 -32.73 4.02
CA VAL A 35 20.74 -32.02 5.22
C VAL A 35 20.72 -30.52 4.99
N TYR A 36 21.10 -30.08 3.79
CA TYR A 36 21.08 -28.67 3.44
C TYR A 36 19.59 -28.24 3.36
N LEU A 37 18.79 -28.97 2.57
CA LEU A 37 17.38 -28.67 2.39
C LEU A 37 16.61 -28.68 3.71
N ALA A 38 16.86 -29.69 4.51
CA ALA A 38 16.20 -29.81 5.81
C ALA A 38 16.54 -28.56 6.61
N ALA A 39 17.79 -28.12 6.49
CA ALA A 39 18.30 -26.97 7.19
C ALA A 39 17.57 -25.69 6.81
N VAL A 40 17.37 -25.49 5.50
CA VAL A 40 16.69 -24.31 4.99
C VAL A 40 15.23 -24.31 5.39
N LEU A 41 14.61 -25.49 5.37
CA LEU A 41 13.22 -25.63 5.75
C LEU A 41 13.03 -25.23 7.20
N GLU A 42 13.91 -25.74 8.07
CA GLU A 42 13.84 -25.42 9.48
C GLU A 42 14.04 -23.95 9.70
N TYR A 43 15.00 -23.36 8.98
CA TYR A 43 15.25 -21.94 9.09
C TYR A 43 13.99 -21.12 8.79
N LEU A 44 13.49 -21.23 7.55
CA LEU A 44 12.29 -20.52 7.14
C LEU A 44 11.13 -20.76 8.12
N THR A 45 11.00 -21.99 8.61
CA THR A 45 9.94 -22.31 9.55
C THR A 45 10.09 -21.43 10.78
N ALA A 46 11.31 -21.40 11.32
CA ALA A 46 11.61 -20.61 12.51
C ALA A 46 11.33 -19.13 12.27
N GLU A 47 11.74 -18.65 11.09
CA GLU A 47 11.53 -17.26 10.72
C GLU A 47 10.08 -16.84 10.78
N ILE A 48 9.25 -17.44 9.94
CA ILE A 48 7.84 -17.08 9.91
C ILE A 48 7.15 -17.39 11.23
N LEU A 49 7.61 -18.45 11.90
CA LEU A 49 7.03 -18.86 13.18
C LEU A 49 7.33 -17.82 14.25
N GLU A 50 8.48 -17.17 14.13
CA GLU A 50 8.92 -16.14 15.06
C GLU A 50 8.02 -14.91 14.91
N LEU A 51 8.03 -14.33 13.71
CA LEU A 51 7.20 -13.17 13.39
C LEU A 51 5.73 -13.44 13.73
N ALA A 52 5.28 -14.68 13.49
CA ALA A 52 3.91 -15.08 13.77
C ALA A 52 3.68 -15.02 15.27
N GLY A 53 4.61 -15.61 16.02
CA GLY A 53 4.50 -15.62 17.47
C GLY A 53 4.44 -14.20 18.02
N ASN A 54 5.17 -13.28 17.41
CA ASN A 54 5.18 -11.89 17.85
C ASN A 54 3.78 -11.32 17.69
N ALA A 55 3.22 -11.43 16.49
CA ALA A 55 1.88 -10.91 16.22
C ALA A 55 0.85 -11.50 17.17
N ALA A 56 1.07 -12.74 17.61
CA ALA A 56 0.12 -13.39 18.51
C ALA A 56 0.13 -12.67 19.85
N ARG A 57 1.32 -12.30 20.30
CA ARG A 57 1.48 -11.60 21.57
C ARG A 57 0.91 -10.19 21.44
N ASP A 58 1.35 -9.48 20.41
CA ASP A 58 0.91 -8.11 20.14
C ASP A 58 -0.59 -7.89 20.26
N ASN A 59 -1.39 -8.85 19.81
CA ASN A 59 -2.84 -8.74 19.93
C ASN A 59 -3.11 -8.90 21.41
N LYS A 60 -3.23 -10.19 21.83
CA LYS A 60 -3.45 -10.50 23.23
C LYS A 60 -3.28 -12.01 23.52
N LYS A 61 -3.16 -12.83 22.49
CA LYS A 61 -3.14 -14.29 22.68
C LYS A 61 -1.81 -15.01 22.89
N THR A 62 -1.97 -16.32 23.24
CA THR A 62 -0.84 -17.27 23.46
C THR A 62 -0.79 -18.30 22.34
N ARG A 63 -1.93 -18.60 21.71
CA ARG A 63 -1.96 -19.57 20.59
C ARG A 63 -1.87 -18.79 19.29
N ILE A 64 -1.05 -19.28 18.36
CA ILE A 64 -0.88 -18.66 17.04
C ILE A 64 -1.95 -19.20 16.10
N ILE A 65 -2.82 -18.32 15.61
CA ILE A 65 -3.82 -18.76 14.66
C ILE A 65 -3.43 -18.19 13.30
N PRO A 66 -3.98 -18.77 12.22
CA PRO A 66 -3.69 -18.33 10.85
C PRO A 66 -3.53 -16.82 10.65
N ARG A 67 -4.42 -16.04 11.27
CA ARG A 67 -4.37 -14.59 11.19
C ARG A 67 -2.97 -14.08 11.48
N HIS A 68 -2.31 -14.71 12.44
CA HIS A 68 -0.97 -14.31 12.82
C HIS A 68 -0.01 -14.64 11.72
N LEU A 69 -0.09 -15.86 11.19
CA LEU A 69 0.79 -16.24 10.10
C LEU A 69 0.62 -15.22 8.99
N GLN A 70 -0.64 -14.95 8.65
CA GLN A 70 -0.97 -13.97 7.62
C GLN A 70 -0.31 -12.62 7.92
N LEU A 71 -0.79 -11.96 8.99
CA LEU A 71 -0.27 -10.65 9.41
C LEU A 71 1.25 -10.63 9.42
N ALA A 72 1.84 -11.77 9.81
CA ALA A 72 3.28 -11.93 9.89
C ALA A 72 3.89 -11.90 8.52
N ILE A 73 3.44 -12.83 7.68
CA ILE A 73 3.94 -12.96 6.31
C ILE A 73 3.80 -11.68 5.49
N ARG A 74 2.63 -11.05 5.58
CA ARG A 74 2.36 -9.86 4.80
C ARG A 74 3.15 -8.64 5.26
N ASN A 75 3.44 -8.58 6.55
CA ASN A 75 4.18 -7.43 7.05
C ASN A 75 5.66 -7.45 6.80
N ASP A 76 6.27 -8.64 6.74
CA ASP A 76 7.69 -8.74 6.41
C ASP A 76 7.69 -8.59 4.91
N GLU A 77 8.39 -7.59 4.41
CA GLU A 77 8.46 -7.32 2.98
C GLU A 77 9.10 -8.47 2.21
N GLU A 78 10.10 -9.10 2.81
CA GLU A 78 10.81 -10.20 2.18
C GLU A 78 10.03 -11.50 2.09
N LEU A 79 9.30 -11.82 3.15
CA LEU A 79 8.49 -13.03 3.25
C LEU A 79 7.26 -12.90 2.37
N ASN A 80 6.78 -11.67 2.22
CA ASN A 80 5.63 -11.36 1.38
C ASN A 80 5.90 -11.68 -0.09
N LYS A 81 7.15 -11.57 -0.53
CA LYS A 81 7.50 -11.88 -1.92
C LYS A 81 7.45 -13.37 -2.13
N LEU A 82 8.10 -14.09 -1.22
CA LEU A 82 8.19 -15.54 -1.27
C LEU A 82 6.82 -16.19 -1.36
N LEU A 83 5.93 -15.80 -0.46
CA LEU A 83 4.58 -16.33 -0.41
C LEU A 83 3.64 -15.29 -1.01
N GLY A 84 4.03 -14.77 -2.18
CA GLY A 84 3.24 -13.75 -2.86
C GLY A 84 1.95 -14.26 -3.42
N LYS A 85 2.01 -15.39 -4.12
CA LYS A 85 0.82 -15.99 -4.71
C LYS A 85 0.32 -17.14 -3.86
N VAL A 86 0.38 -16.95 -2.54
CA VAL A 86 -0.07 -17.97 -1.60
C VAL A 86 -1.25 -17.43 -0.84
N THR A 87 -2.25 -18.28 -0.61
CA THR A 87 -3.45 -17.87 0.12
C THR A 87 -3.51 -18.61 1.45
N ILE A 88 -3.47 -17.85 2.54
CA ILE A 88 -3.52 -18.41 3.87
C ILE A 88 -4.98 -18.60 4.24
N ALA A 89 -5.39 -19.86 4.35
CA ALA A 89 -6.77 -20.17 4.72
C ALA A 89 -7.06 -19.60 6.09
N GLN A 90 -8.10 -18.76 6.14
CA GLN A 90 -8.51 -18.08 7.35
C GLN A 90 -7.47 -17.08 7.78
N GLY A 91 -6.63 -16.67 6.84
CA GLY A 91 -5.62 -15.69 7.16
C GLY A 91 -6.19 -14.28 7.13
N SER B 1 2.16 -33.94 9.67
CA SER B 1 3.27 -34.48 8.84
C SER B 1 4.58 -33.87 9.28
N TYR B 2 4.56 -32.57 9.58
CA TYR B 2 5.76 -31.86 10.06
C TYR B 2 5.48 -31.33 11.45
N SER B 3 4.20 -31.36 11.81
CA SER B 3 3.69 -30.90 13.10
C SER B 3 4.65 -31.14 14.28
N ILE B 4 5.26 -32.31 14.32
CA ILE B 4 6.22 -32.65 15.38
C ILE B 4 7.32 -31.57 15.40
N TYR B 5 8.05 -31.52 14.29
CA TYR B 5 9.16 -30.61 14.06
C TYR B 5 8.78 -29.15 14.19
N VAL B 6 7.77 -28.71 13.45
CA VAL B 6 7.35 -27.32 13.54
C VAL B 6 7.02 -26.94 14.97
N TYR B 7 6.50 -27.88 15.75
CA TYR B 7 6.19 -27.58 17.15
C TYR B 7 7.52 -27.47 17.88
N LYS B 8 8.41 -28.42 17.62
CA LYS B 8 9.74 -28.44 18.23
C LYS B 8 10.47 -27.11 17.95
N VAL B 9 10.33 -26.61 16.73
CA VAL B 9 10.96 -25.36 16.35
C VAL B 9 10.29 -24.20 17.05
N LEU B 10 8.98 -24.29 17.20
CA LEU B 10 8.21 -23.25 17.86
C LEU B 10 8.67 -23.01 19.30
N LYS B 11 8.74 -24.08 20.08
CA LYS B 11 9.16 -23.96 21.48
C LYS B 11 10.56 -23.34 21.53
N GLN B 12 11.39 -23.70 20.54
CA GLN B 12 12.74 -23.20 20.44
C GLN B 12 12.76 -21.69 20.24
N VAL B 13 11.74 -21.16 19.56
CA VAL B 13 11.66 -19.74 19.27
C VAL B 13 10.79 -18.95 20.25
N HIS B 14 9.66 -19.52 20.61
CA HIS B 14 8.72 -18.92 21.55
C HIS B 14 8.30 -20.11 22.44
N PRO B 15 9.02 -20.33 23.54
CA PRO B 15 8.78 -21.42 24.49
C PRO B 15 7.59 -21.20 25.41
N ASP B 16 6.56 -20.52 24.92
CA ASP B 16 5.40 -20.22 25.76
C ASP B 16 4.18 -19.89 24.91
N THR B 17 4.41 -19.83 23.60
CA THR B 17 3.37 -19.50 22.64
C THR B 17 2.97 -20.75 21.87
N GLY B 18 1.70 -21.13 22.01
CA GLY B 18 1.18 -22.31 21.32
C GLY B 18 0.73 -22.02 19.90
N ILE B 19 0.26 -23.04 19.18
CA ILE B 19 -0.19 -22.87 17.80
C ILE B 19 -1.43 -23.72 17.56
N SER B 20 -2.41 -23.16 16.85
CA SER B 20 -3.65 -23.91 16.56
C SER B 20 -3.45 -25.01 15.53
N SER B 21 -4.37 -25.97 15.54
CA SER B 21 -4.32 -27.10 14.63
C SER B 21 -4.46 -26.59 13.20
N LYS B 22 -5.35 -25.62 13.02
CA LYS B 22 -5.61 -25.01 11.72
C LYS B 22 -4.38 -24.23 11.26
N ALA B 23 -3.70 -23.60 12.20
CA ALA B 23 -2.51 -22.83 11.88
C ALA B 23 -1.41 -23.81 11.58
N MET B 24 -1.45 -24.97 12.24
CA MET B 24 -0.45 -26.00 12.02
C MET B 24 -0.64 -26.54 10.60
N GLY B 25 -1.89 -26.55 10.16
CA GLY B 25 -2.21 -27.02 8.83
C GLY B 25 -1.46 -26.16 7.84
N ILE B 26 -1.57 -24.85 8.03
CA ILE B 26 -0.88 -23.89 7.17
C ILE B 26 0.62 -24.12 7.16
N MET B 27 1.22 -24.23 8.34
CA MET B 27 2.66 -24.46 8.45
C MET B 27 3.08 -25.67 7.66
N ASN B 28 2.28 -26.72 7.73
CA ASN B 28 2.59 -27.92 6.97
C ASN B 28 2.54 -27.64 5.47
N SER B 29 1.58 -26.83 5.06
CA SER B 29 1.46 -26.50 3.64
C SER B 29 2.69 -25.74 3.19
N PHE B 30 3.15 -24.84 4.05
CA PHE B 30 4.32 -24.03 3.79
C PHE B 30 5.55 -24.91 3.61
N VAL B 31 5.74 -25.84 4.55
CA VAL B 31 6.91 -26.69 4.48
C VAL B 31 6.93 -27.50 3.21
N ASN B 32 5.79 -28.10 2.86
CA ASN B 32 5.75 -28.91 1.65
C ASN B 32 5.94 -28.07 0.41
N ASP B 33 5.36 -26.88 0.44
CA ASP B 33 5.45 -25.98 -0.69
C ASP B 33 6.87 -25.65 -1.07
N ILE B 34 7.57 -24.93 -0.20
CA ILE B 34 8.93 -24.51 -0.50
C ILE B 34 9.89 -25.68 -0.68
N PHE B 35 9.48 -26.86 -0.21
CA PHE B 35 10.29 -28.06 -0.39
C PHE B 35 10.19 -28.39 -1.87
N GLU B 36 8.93 -28.46 -2.34
CA GLU B 36 8.58 -28.77 -3.72
C GLU B 36 9.25 -27.77 -4.66
N ARG B 37 9.22 -26.50 -4.25
CA ARG B 37 9.82 -25.44 -5.04
C ARG B 37 11.32 -25.58 -5.18
N ILE B 38 11.98 -25.76 -4.04
CA ILE B 38 13.44 -25.87 -4.01
C ILE B 38 13.97 -27.10 -4.71
N ALA B 39 13.30 -28.22 -4.51
CA ALA B 39 13.70 -29.48 -5.13
C ALA B 39 13.43 -29.43 -6.61
N GLY B 40 12.43 -28.65 -7.01
CA GLY B 40 12.09 -28.50 -8.40
C GLY B 40 13.21 -27.79 -9.13
N GLU B 41 13.65 -26.66 -8.59
CA GLU B 41 14.72 -25.90 -9.20
C GLU B 41 16.01 -26.68 -9.13
N ALA B 42 16.28 -27.30 -8.00
CA ALA B 42 17.49 -28.08 -7.83
C ALA B 42 17.56 -29.10 -8.96
N SER B 43 16.45 -29.79 -9.19
CA SER B 43 16.34 -30.81 -10.23
C SER B 43 16.53 -30.21 -11.61
N ARG B 44 16.01 -29.01 -11.79
CA ARG B 44 16.11 -28.29 -13.05
C ARG B 44 17.57 -27.96 -13.32
N LEU B 45 18.25 -27.46 -12.29
CA LEU B 45 19.66 -27.10 -12.37
C LEU B 45 20.55 -28.29 -12.74
N ALA B 46 20.21 -29.45 -12.22
CA ALA B 46 20.98 -30.65 -12.49
C ALA B 46 20.85 -31.10 -13.93
N HIS B 47 19.64 -31.06 -14.48
CA HIS B 47 19.46 -31.48 -15.86
C HIS B 47 20.18 -30.52 -16.82
N TYR B 48 20.10 -29.22 -16.53
CA TYR B 48 20.75 -28.21 -17.36
C TYR B 48 22.23 -28.46 -17.45
N ASN B 49 22.83 -28.84 -16.32
CA ASN B 49 24.25 -29.10 -16.25
C ASN B 49 24.58 -30.57 -16.40
N LYS B 50 23.68 -31.25 -17.10
CA LYS B 50 23.79 -32.66 -17.40
C LYS B 50 24.46 -33.51 -16.30
N ARG B 51 23.96 -33.36 -15.08
CA ARG B 51 24.42 -34.10 -13.91
C ARG B 51 23.27 -35.00 -13.49
N SER B 52 23.59 -36.26 -13.20
CA SER B 52 22.57 -37.22 -12.82
C SER B 52 22.25 -37.21 -11.34
N THR B 53 23.01 -36.43 -10.57
CA THR B 53 22.81 -36.37 -9.13
C THR B 53 22.56 -34.95 -8.59
N ILE B 54 21.64 -34.84 -7.64
CA ILE B 54 21.34 -33.55 -7.01
C ILE B 54 22.27 -33.33 -5.83
N THR B 55 23.31 -32.53 -6.03
CA THR B 55 24.26 -32.21 -4.96
C THR B 55 23.69 -31.12 -4.07
N SER B 56 24.36 -30.86 -2.96
CA SER B 56 23.92 -29.82 -2.04
C SER B 56 24.23 -28.52 -2.75
N ARG B 57 25.13 -28.57 -3.71
CA ARG B 57 25.50 -27.37 -4.45
C ARG B 57 24.33 -26.90 -5.32
N GLU B 58 23.38 -27.81 -5.57
CA GLU B 58 22.19 -27.50 -6.35
C GLU B 58 21.13 -26.94 -5.43
N ILE B 59 21.05 -27.47 -4.22
CA ILE B 59 20.08 -26.99 -3.24
C ILE B 59 20.38 -25.54 -2.92
N GLN B 60 21.67 -25.22 -2.90
CA GLN B 60 22.14 -23.89 -2.59
C GLN B 60 21.79 -22.92 -3.68
N THR B 61 22.15 -23.24 -4.92
CA THR B 61 21.84 -22.36 -6.05
C THR B 61 20.33 -22.24 -6.19
N ALA B 62 19.62 -23.33 -5.93
CA ALA B 62 18.17 -23.29 -6.00
C ALA B 62 17.66 -22.27 -4.97
N VAL B 63 18.25 -22.31 -3.79
CA VAL B 63 17.89 -21.40 -2.69
C VAL B 63 18.17 -19.95 -3.04
N ARG B 64 19.25 -19.72 -3.77
CA ARG B 64 19.60 -18.37 -4.14
C ARG B 64 18.57 -17.86 -5.13
N LEU B 65 18.19 -18.72 -6.05
CA LEU B 65 17.23 -18.37 -7.08
C LEU B 65 15.82 -18.14 -6.58
N LEU B 66 15.33 -19.01 -5.71
CA LEU B 66 13.97 -18.85 -5.25
C LEU B 66 13.75 -17.90 -4.11
N LEU B 67 14.71 -17.80 -3.20
CA LEU B 67 14.46 -16.93 -2.03
C LEU B 67 14.88 -15.49 -2.22
N PRO B 68 14.05 -14.59 -1.63
CA PRO B 68 14.39 -13.17 -1.61
C PRO B 68 15.77 -12.85 -1.04
N GLY B 69 16.15 -11.63 -1.37
CA GLY B 69 17.40 -10.96 -1.10
C GLY B 69 18.32 -11.40 0.04
N GLU B 70 17.93 -11.07 1.22
CA GLU B 70 18.72 -11.28 2.39
C GLU B 70 18.27 -12.54 3.18
N LEU B 71 17.04 -12.92 2.87
CA LEU B 71 16.34 -14.08 3.38
C LEU B 71 17.00 -15.33 2.82
N ALA B 72 17.64 -15.14 1.68
CA ALA B 72 18.36 -16.18 0.96
C ALA B 72 19.75 -16.35 1.54
N LYS B 73 20.38 -15.24 1.90
CA LYS B 73 21.72 -15.25 2.48
C LYS B 73 21.81 -16.10 3.75
N HIS B 74 20.82 -15.96 4.62
CA HIS B 74 20.78 -16.73 5.86
C HIS B 74 20.58 -18.20 5.53
N ALA B 75 19.57 -18.49 4.70
CA ALA B 75 19.27 -19.85 4.30
C ALA B 75 20.52 -20.57 3.78
N VAL B 76 21.41 -19.85 3.11
CA VAL B 76 22.63 -20.44 2.59
C VAL B 76 23.57 -20.70 3.75
N SER B 77 23.71 -19.69 4.61
CA SER B 77 24.57 -19.80 5.78
C SER B 77 24.15 -21.00 6.62
N GLU B 78 22.88 -21.02 7.01
CA GLU B 78 22.29 -22.08 7.81
C GLU B 78 22.52 -23.47 7.20
N GLY B 79 22.34 -23.56 5.88
CA GLY B 79 22.52 -24.81 5.17
C GLY B 79 23.99 -25.21 5.16
N THR B 80 24.88 -24.27 4.90
CA THR B 80 26.31 -24.58 4.88
C THR B 80 26.76 -24.98 6.30
N LYS B 81 26.30 -24.22 7.29
CA LYS B 81 26.64 -24.50 8.67
C LYS B 81 26.18 -25.91 8.97
N ALA B 82 24.93 -26.19 8.63
CA ALA B 82 24.33 -27.51 8.86
C ALA B 82 25.03 -28.64 8.12
N VAL B 83 25.24 -28.46 6.82
CA VAL B 83 25.90 -29.48 6.01
C VAL B 83 27.28 -29.80 6.57
N THR B 84 28.05 -28.76 6.85
CA THR B 84 29.40 -28.91 7.37
C THR B 84 29.47 -29.64 8.70
N LYS B 85 28.55 -29.34 9.61
CA LYS B 85 28.54 -30.02 10.90
C LYS B 85 28.37 -31.52 10.63
N TYR B 86 27.31 -31.88 9.92
CA TYR B 86 27.00 -33.26 9.56
C TYR B 86 28.17 -34.02 8.93
N THR B 87 28.83 -33.40 7.96
CA THR B 87 29.96 -34.02 7.25
C THR B 87 31.15 -34.28 8.19
N SER B 88 31.49 -33.29 9.00
CA SER B 88 32.59 -33.41 9.94
C SER B 88 32.14 -34.27 11.11
N SER B 89 30.93 -34.01 11.59
CA SER B 89 30.31 -34.76 12.71
C SER B 89 29.94 -36.12 12.16
N LYS B 90 30.95 -36.96 11.91
CA LYS B 90 30.69 -38.30 11.40
C LYS B 90 30.09 -39.17 12.50
N LYS C 1 46.64 13.04 17.36
CA LYS C 1 45.21 12.87 17.76
C LYS C 1 44.46 12.01 16.73
N SER C 2 43.37 11.40 17.20
CA SER C 2 42.50 10.51 16.42
C SER C 2 41.93 11.12 15.13
N ARG C 3 41.98 10.35 14.03
CA ARG C 3 41.44 10.80 12.75
C ARG C 3 39.92 10.90 12.81
N SER C 4 39.32 10.09 13.69
CA SER C 4 37.89 10.07 13.88
C SER C 4 37.45 11.31 14.64
N SER C 5 38.29 11.77 15.58
CA SER C 5 37.99 12.97 16.35
C SER C 5 38.32 14.23 15.56
N ARG C 6 39.41 14.20 14.79
CA ARG C 6 39.79 15.33 13.96
C ARG C 6 38.68 15.68 12.97
N ALA C 7 37.96 14.65 12.53
CA ALA C 7 36.86 14.79 11.59
C ALA C 7 35.52 14.94 12.32
N GLY C 8 35.56 14.93 13.64
CA GLY C 8 34.36 15.06 14.44
C GLY C 8 33.39 13.94 14.13
N LEU C 9 33.85 12.70 14.25
CA LEU C 9 33.03 11.54 13.96
C LEU C 9 33.11 10.44 15.01
N GLN C 10 32.14 9.54 14.95
CA GLN C 10 32.09 8.40 15.84
C GLN C 10 32.64 7.19 15.12
N PHE C 11 32.19 6.98 13.88
CA PHE C 11 32.66 5.85 13.11
C PHE C 11 34.18 5.92 12.87
N PRO C 12 34.85 4.77 12.94
CA PRO C 12 36.29 4.63 12.76
C PRO C 12 36.80 4.95 11.39
N VAL C 13 37.38 6.14 11.26
CA VAL C 13 37.94 6.57 9.98
C VAL C 13 39.01 5.56 9.55
N GLY C 14 39.88 5.25 10.51
CA GLY C 14 40.97 4.33 10.27
C GLY C 14 40.51 3.00 9.72
N ARG C 15 39.57 2.38 10.42
CA ARG C 15 39.02 1.10 9.98
C ARG C 15 38.52 1.18 8.55
N VAL C 16 37.70 2.19 8.28
CA VAL C 16 37.15 2.40 6.94
C VAL C 16 38.28 2.54 5.96
N HIS C 17 39.37 3.18 6.37
CA HIS C 17 40.52 3.36 5.50
C HIS C 17 41.16 2.01 5.14
N ARG C 18 41.25 1.13 6.13
CA ARG C 18 41.84 -0.19 5.93
C ARG C 18 40.98 -0.97 4.95
N LEU C 19 39.69 -1.00 5.23
CA LEU C 19 38.74 -1.71 4.38
C LEU C 19 38.80 -1.23 2.93
N LEU C 20 38.95 0.07 2.71
CA LEU C 20 39.02 0.56 1.34
C LEU C 20 40.22 -0.01 0.60
N ARG C 21 41.38 -0.06 1.21
CA ARG C 21 42.52 -0.60 0.45
C ARG C 21 42.50 -2.16 0.43
N LYS C 22 42.26 -2.81 1.57
CA LYS C 22 42.30 -4.29 1.67
C LYS C 22 41.43 -4.89 0.57
N GLY C 23 40.19 -4.33 0.52
CA GLY C 23 39.07 -4.65 -0.38
C GLY C 23 39.43 -4.77 -1.87
N ASN C 24 40.53 -4.16 -2.24
CA ASN C 24 41.07 -4.15 -3.59
C ASN C 24 40.16 -3.47 -4.54
N TYR C 25 39.53 -2.46 -3.96
CA TYR C 25 38.64 -1.56 -4.66
C TYR C 25 39.47 -0.64 -5.55
N ALA C 26 40.43 0.00 -4.88
CA ALA C 26 41.35 0.92 -5.56
C ALA C 26 42.78 0.46 -5.59
N GLU C 27 43.55 1.21 -6.34
CA GLU C 27 45.00 1.05 -6.47
C GLU C 27 45.60 1.75 -5.27
N ARG C 28 45.18 3.01 -5.06
CA ARG C 28 45.52 3.81 -3.89
C ARG C 28 44.29 4.68 -3.56
N VAL C 29 43.82 4.64 -2.32
CA VAL C 29 42.69 5.48 -1.89
C VAL C 29 43.25 6.72 -1.21
N GLY C 30 42.62 7.85 -1.54
CA GLY C 30 43.02 9.14 -1.00
C GLY C 30 42.81 9.31 0.50
N ALA C 31 43.15 10.48 1.01
CA ALA C 31 43.03 10.76 2.44
C ALA C 31 41.62 11.05 2.93
N GLY C 32 40.87 11.82 2.14
CA GLY C 32 39.50 12.18 2.51
C GLY C 32 38.47 11.11 2.25
N ALA C 33 38.84 10.13 1.43
CA ALA C 33 37.92 9.08 1.09
C ALA C 33 37.31 8.40 2.31
N PRO C 34 38.12 7.75 3.16
CA PRO C 34 37.52 7.10 4.32
C PRO C 34 36.78 8.03 5.26
N VAL C 35 37.24 9.28 5.35
CA VAL C 35 36.60 10.22 6.25
C VAL C 35 35.21 10.60 5.73
N TYR C 36 35.08 10.71 4.41
CA TYR C 36 33.79 11.02 3.80
C TYR C 36 32.87 9.79 4.00
N LEU C 37 33.35 8.61 3.61
CA LEU C 37 32.58 7.38 3.73
C LEU C 37 32.17 7.09 5.17
N ALA C 38 33.12 7.25 6.08
CA ALA C 38 32.85 7.01 7.49
C ALA C 38 31.74 7.95 7.92
N ALA C 39 31.79 9.17 7.39
CA ALA C 39 30.83 10.21 7.70
C ALA C 39 29.42 9.84 7.26
N VAL C 40 29.30 9.32 6.03
CA VAL C 40 28.01 8.92 5.47
C VAL C 40 27.45 7.72 6.23
N LEU C 41 28.32 6.81 6.60
CA LEU C 41 27.92 5.62 7.34
C LEU C 41 27.32 6.02 8.67
N GLU C 42 28.02 6.91 9.38
CA GLU C 42 27.56 7.38 10.67
C GLU C 42 26.23 8.10 10.52
N TYR C 43 26.11 8.92 9.48
CA TYR C 43 24.87 9.63 9.24
C TYR C 43 23.69 8.66 9.10
N LEU C 44 23.75 7.80 8.08
CA LEU C 44 22.70 6.80 7.85
C LEU C 44 22.40 6.00 9.11
N THR C 45 23.44 5.65 9.85
CA THR C 45 23.26 4.89 11.08
C THR C 45 22.38 5.66 12.03
N ALA C 46 22.72 6.94 12.22
CA ALA C 46 21.97 7.82 13.11
C ALA C 46 20.53 7.96 12.65
N GLU C 47 20.35 8.12 11.34
CA GLU C 47 19.03 8.26 10.75
C GLU C 47 18.12 7.10 11.09
N ILE C 48 18.46 5.90 10.63
CA ILE C 48 17.62 4.74 10.88
C ILE C 48 17.53 4.43 12.37
N LEU C 49 18.59 4.72 13.10
CA LEU C 49 18.64 4.46 14.54
C LEU C 49 17.67 5.38 15.27
N GLU C 50 17.50 6.58 14.73
CA GLU C 50 16.59 7.58 15.29
C GLU C 50 15.16 7.10 15.13
N LEU C 51 14.74 6.93 13.87
CA LEU C 51 13.40 6.45 13.54
C LEU C 51 13.09 5.15 14.29
N ALA C 52 14.10 4.29 14.42
CA ALA C 52 13.95 3.02 15.12
C ALA C 52 13.66 3.29 16.58
N GLY C 53 14.46 4.17 17.18
CA GLY C 53 14.28 4.51 18.58
C GLY C 53 12.89 5.07 18.83
N ASN C 54 12.36 5.83 17.87
CA ASN C 54 11.03 6.41 18.01
C ASN C 54 10.01 5.28 18.09
N ALA C 55 10.03 4.38 17.12
CA ALA C 55 9.10 3.26 17.10
C ALA C 55 9.18 2.42 18.37
N ALA C 56 10.36 2.37 18.99
CA ALA C 56 10.53 1.61 20.21
C ALA C 56 9.72 2.24 21.33
N ARG C 57 9.76 3.56 21.38
CA ARG C 57 9.03 4.32 22.40
C ARG C 57 7.54 4.21 22.14
N ASP C 58 7.14 4.51 20.90
CA ASP C 58 5.75 4.46 20.48
C ASP C 58 5.00 3.22 20.92
N ASN C 59 5.64 2.06 20.89
CA ASN C 59 5.00 0.83 21.35
C ASN C 59 4.91 0.99 22.86
N LYS C 60 6.01 0.60 23.54
CA LYS C 60 6.08 0.74 24.98
C LYS C 60 7.51 0.51 25.53
N LYS C 61 8.42 0.05 24.69
CA LYS C 61 9.75 -0.34 25.16
C LYS C 61 10.88 0.70 25.17
N THR C 62 12.00 0.25 25.81
CA THR C 62 13.27 1.03 25.93
C THR C 62 14.35 0.41 25.07
N ARG C 63 14.29 -0.90 24.82
CA ARG C 63 15.30 -1.57 23.97
C ARG C 63 14.74 -1.65 22.55
N ILE C 64 15.60 -1.35 21.57
CA ILE C 64 15.21 -1.40 20.15
C ILE C 64 15.42 -2.82 19.64
N ILE C 65 14.35 -3.47 19.21
CA ILE C 65 14.49 -4.81 18.65
C ILE C 65 14.25 -4.70 17.16
N PRO C 66 14.70 -5.70 16.39
CA PRO C 66 14.55 -5.73 14.93
C PRO C 66 13.22 -5.17 14.40
N ARG C 67 12.12 -5.54 15.05
CA ARG C 67 10.79 -5.06 14.66
C ARG C 67 10.79 -3.55 14.47
N HIS C 68 11.52 -2.87 15.35
CA HIS C 68 11.58 -1.43 15.29
C HIS C 68 12.35 -1.00 14.08
N LEU C 69 13.51 -1.62 13.85
CA LEU C 69 14.30 -1.28 12.67
C LEU C 69 13.40 -1.45 11.45
N GLN C 70 12.73 -2.60 11.40
CA GLN C 70 11.82 -2.90 10.30
C GLN C 70 10.77 -1.79 10.15
N LEU C 71 9.87 -1.69 11.14
CA LEU C 71 8.80 -0.69 11.14
C LEU C 71 9.32 0.68 10.76
N ALA C 72 10.55 0.97 11.22
CA ALA C 72 11.21 2.24 10.97
C ALA C 72 11.54 2.38 9.51
N ILE C 73 12.33 1.43 9.01
CA ILE C 73 12.78 1.42 7.62
C ILE C 73 11.62 1.44 6.62
N ARG C 74 10.62 0.61 6.87
CA ARG C 74 9.50 0.51 5.96
C ARG C 74 8.60 1.74 5.95
N ASN C 75 8.51 2.41 7.08
CA ASN C 75 7.66 3.59 7.14
C ASN C 75 8.23 4.85 6.53
N ASP C 76 9.56 4.99 6.56
CA ASP C 76 10.19 6.15 5.91
C ASP C 76 10.21 5.72 4.46
N GLU C 77 9.59 6.52 3.61
CA GLU C 77 9.51 6.24 2.18
C GLU C 77 10.89 6.20 1.53
N GLU C 78 11.77 7.09 1.97
CA GLU C 78 13.12 7.19 1.42
C GLU C 78 14.05 6.05 1.80
N LEU C 79 13.97 5.63 3.05
CA LEU C 79 14.79 4.55 3.60
C LEU C 79 14.32 3.21 3.04
N ASN C 80 13.03 3.13 2.77
CA ASN C 80 12.42 1.93 2.21
C ASN C 80 12.96 1.61 0.81
N LYS C 81 13.36 2.64 0.06
CA LYS C 81 13.91 2.43 -1.28
C LYS C 81 15.30 1.85 -1.17
N LEU C 82 16.10 2.49 -0.32
CA LEU C 82 17.49 2.10 -0.09
C LEU C 82 17.61 0.63 0.30
N LEU C 83 16.83 0.24 1.30
CA LEU C 83 16.82 -1.12 1.79
C LEU C 83 15.59 -1.82 1.24
N GLY C 84 15.37 -1.67 -0.06
CA GLY C 84 14.22 -2.26 -0.72
C GLY C 84 14.28 -3.77 -0.82
N LYS C 85 15.42 -4.27 -1.26
CA LYS C 85 15.62 -5.71 -1.41
C LYS C 85 16.42 -6.26 -0.23
N VAL C 86 16.13 -5.75 0.96
CA VAL C 86 16.80 -6.18 2.17
C VAL C 86 15.80 -6.84 3.08
N THR C 87 16.21 -7.93 3.72
CA THR C 87 15.34 -8.65 4.63
C THR C 87 15.85 -8.54 6.05
N ILE C 88 15.04 -7.93 6.91
CA ILE C 88 15.42 -7.74 8.31
C ILE C 88 15.03 -9.00 9.06
N ALA C 89 16.03 -9.73 9.52
CA ALA C 89 15.79 -10.96 10.28
C ALA C 89 15.01 -10.62 11.54
N GLN C 90 13.85 -11.27 11.67
CA GLN C 90 12.95 -11.06 12.79
C GLN C 90 12.34 -9.68 12.73
N GLY C 91 12.38 -9.08 11.54
CA GLY C 91 11.79 -7.77 11.39
C GLY C 91 10.28 -7.85 11.22
N SER D 1 31.24 -5.72 15.53
CA SER D 1 32.23 -5.16 14.57
C SER D 1 32.09 -3.65 14.53
N TYR D 2 30.85 -3.15 14.56
CA TYR D 2 30.57 -1.72 14.57
C TYR D 2 29.83 -1.37 15.84
N SER D 3 29.36 -2.42 16.51
CA SER D 3 28.61 -2.34 17.77
C SER D 3 29.05 -1.19 18.68
N ILE D 4 30.37 -1.00 18.82
CA ILE D 4 30.90 0.08 19.64
C ILE D 4 30.30 1.41 19.17
N TYR D 5 30.63 1.75 17.92
CA TYR D 5 30.21 2.95 17.24
C TYR D 5 28.70 3.12 17.15
N VAL D 6 28.01 2.11 16.63
CA VAL D 6 26.56 2.21 16.53
C VAL D 6 25.94 2.46 17.89
N TYR D 7 26.55 1.95 18.95
CA TYR D 7 26.01 2.18 20.29
C TYR D 7 26.31 3.64 20.63
N LYS D 8 27.54 4.06 20.35
CA LYS D 8 27.96 5.45 20.59
C LYS D 8 27.02 6.42 19.88
N VAL D 9 26.64 6.08 18.65
CA VAL D 9 25.75 6.93 17.88
C VAL D 9 24.36 6.91 18.48
N LEU D 10 23.95 5.74 18.97
CA LEU D 10 22.65 5.58 19.57
C LEU D 10 22.44 6.50 20.77
N LYS D 11 23.38 6.47 21.71
CA LYS D 11 23.27 7.32 22.90
C LYS D 11 23.19 8.79 22.47
N GLN D 12 23.92 9.12 21.39
CA GLN D 12 23.96 10.46 20.86
C GLN D 12 22.58 10.89 20.36
N VAL D 13 21.80 9.92 19.86
CA VAL D 13 20.48 10.22 19.32
C VAL D 13 19.33 9.97 20.30
N HIS D 14 19.42 8.89 21.05
CA HIS D 14 18.42 8.52 22.05
C HIS D 14 19.28 8.04 23.23
N PRO D 15 19.63 8.97 24.14
CA PRO D 15 20.46 8.70 25.32
C PRO D 15 19.74 7.98 26.45
N ASP D 16 18.78 7.12 26.11
CA ASP D 16 18.00 6.42 27.13
C ASP D 16 17.34 5.18 26.57
N THR D 17 17.50 4.99 25.27
CA THR D 17 16.93 3.86 24.55
C THR D 17 18.03 2.88 24.18
N GLY D 18 17.91 1.65 24.70
CA GLY D 18 18.88 0.61 24.42
C GLY D 18 18.60 -0.13 23.13
N ILE D 19 19.45 -1.10 22.78
CA ILE D 19 19.28 -1.87 21.56
C ILE D 19 19.65 -3.33 21.81
N SER D 20 18.86 -4.26 21.28
CA SER D 20 19.14 -5.69 21.46
C SER D 20 20.34 -6.17 20.67
N SER D 21 20.89 -7.29 21.10
CA SER D 21 22.06 -7.89 20.45
C SER D 21 21.69 -8.28 19.04
N LYS D 22 20.48 -8.85 18.89
CA LYS D 22 19.96 -9.27 17.60
C LYS D 22 19.72 -8.07 16.70
N ALA D 23 19.29 -6.96 17.28
CA ALA D 23 19.04 -5.76 16.53
C ALA D 23 20.37 -5.17 16.17
N MET D 24 21.36 -5.37 17.04
CA MET D 24 22.70 -4.87 16.79
C MET D 24 23.28 -5.63 15.60
N GLY D 25 22.89 -6.90 15.50
CA GLY D 25 23.35 -7.74 14.42
C GLY D 25 22.92 -7.10 13.12
N ILE D 26 21.65 -6.73 13.06
CA ILE D 26 21.09 -6.08 11.88
C ILE D 26 21.85 -4.79 11.53
N MET D 27 22.04 -3.93 12.53
CA MET D 27 22.76 -2.67 12.31
C MET D 27 24.11 -2.91 11.70
N ASN D 28 24.80 -3.94 12.19
CA ASN D 28 26.10 -4.28 11.64
C ASN D 28 25.97 -4.69 10.18
N SER D 29 24.91 -5.44 9.86
CA SER D 29 24.71 -5.87 8.48
C SER D 29 24.51 -4.66 7.59
N PHE D 30 23.75 -3.71 8.10
CA PHE D 30 23.45 -2.48 7.40
C PHE D 30 24.72 -1.70 7.10
N VAL D 31 25.55 -1.53 8.13
CA VAL D 31 26.76 -0.78 7.94
C VAL D 31 27.66 -1.40 6.91
N ASN D 32 27.84 -2.71 6.98
CA ASN D 32 28.71 -3.37 6.00
C ASN D 32 28.12 -3.33 4.62
N ASP D 33 26.81 -3.46 4.55
CA ASP D 33 26.13 -3.45 3.28
C ASP D 33 26.37 -2.19 2.50
N ILE D 34 25.87 -1.06 2.99
CA ILE D 34 26.00 0.20 2.28
C ILE D 34 27.44 0.64 2.11
N PHE D 35 28.34 0.05 2.90
CA PHE D 35 29.76 0.34 2.76
C PHE D 35 30.19 -0.32 1.45
N GLU D 36 29.86 -1.61 1.35
CA GLU D 36 30.15 -2.44 0.19
C GLU D 36 29.56 -1.82 -1.07
N ARG D 37 28.33 -1.31 -0.94
CA ARG D 37 27.65 -0.69 -2.05
C ARG D 37 28.33 0.57 -2.53
N ILE D 38 28.61 1.47 -1.59
CA ILE D 38 29.24 2.75 -1.90
C ILE D 38 30.65 2.62 -2.45
N ALA D 39 31.42 1.73 -1.86
CA ALA D 39 32.80 1.52 -2.29
C ALA D 39 32.81 0.83 -3.63
N GLY D 40 31.76 0.05 -3.92
CA GLY D 40 31.65 -0.64 -5.18
C GLY D 40 31.47 0.37 -6.29
N GLU D 41 30.52 1.28 -6.12
CA GLU D 41 30.27 2.29 -7.13
C GLU D 41 31.45 3.23 -7.23
N ALA D 42 32.01 3.63 -6.09
CA ALA D 42 33.15 4.52 -6.09
C ALA D 42 34.23 3.92 -6.97
N SER D 43 34.50 2.64 -6.75
CA SER D 43 35.51 1.90 -7.51
C SER D 43 35.17 1.83 -8.98
N ARG D 44 33.88 1.69 -9.27
CA ARG D 44 33.39 1.61 -10.63
C ARG D 44 33.63 2.95 -11.32
N LEU D 45 33.31 4.04 -10.62
CA LEU D 45 33.49 5.39 -11.12
C LEU D 45 34.94 5.70 -11.46
N ALA D 46 35.85 5.18 -10.64
CA ALA D 46 37.26 5.43 -10.85
C ALA D 46 37.79 4.72 -12.08
N HIS D 47 37.37 3.48 -12.31
CA HIS D 47 37.83 2.76 -13.49
C HIS D 47 37.31 3.42 -14.77
N TYR D 48 36.04 3.84 -14.74
CA TYR D 48 35.42 4.49 -15.89
C TYR D 48 36.20 5.73 -16.31
N ASN D 49 36.65 6.48 -15.31
CA ASN D 49 37.39 7.70 -15.54
C ASN D 49 38.88 7.49 -15.47
N LYS D 50 39.26 6.25 -15.76
CA LYS D 50 40.66 5.82 -15.79
C LYS D 50 41.57 6.48 -14.74
N ARG D 51 41.10 6.45 -13.49
CA ARG D 51 41.84 7.00 -12.35
C ARG D 51 42.23 5.81 -11.48
N SER D 52 43.47 5.80 -11.03
CA SER D 52 43.97 4.70 -10.22
C SER D 52 43.69 4.87 -8.74
N THR D 53 43.16 6.02 -8.37
CA THR D 53 42.87 6.31 -6.97
C THR D 53 41.41 6.69 -6.68
N ILE D 54 40.88 6.19 -5.57
CA ILE D 54 39.51 6.52 -5.17
C ILE D 54 39.52 7.79 -4.33
N THR D 55 39.16 8.91 -4.94
CA THR D 55 39.11 10.20 -4.23
C THR D 55 37.79 10.29 -3.47
N SER D 56 37.68 11.32 -2.64
CA SER D 56 36.46 11.54 -1.87
C SER D 56 35.43 12.00 -2.88
N ARG D 57 35.90 12.51 -4.01
CA ARG D 57 35.01 12.97 -5.05
C ARG D 57 34.24 11.81 -5.67
N GLU D 58 34.77 10.60 -5.49
CA GLU D 58 34.14 9.38 -5.98
C GLU D 58 33.14 8.89 -4.96
N ILE D 59 33.48 9.03 -3.69
CA ILE D 59 32.57 8.60 -2.62
C ILE D 59 31.30 9.43 -2.69
N GLN D 60 31.47 10.70 -3.06
CA GLN D 60 30.37 11.62 -3.16
C GLN D 60 29.45 11.28 -4.29
N THR D 61 30.02 11.12 -5.50
CA THR D 61 29.21 10.77 -6.66
C THR D 61 28.57 9.41 -6.44
N ALA D 62 29.29 8.51 -5.80
CA ALA D 62 28.74 7.20 -5.50
C ALA D 62 27.52 7.38 -4.61
N VAL D 63 27.64 8.26 -3.63
CA VAL D 63 26.55 8.55 -2.69
C VAL D 63 25.34 9.15 -3.38
N ARG D 64 25.59 9.98 -4.39
CA ARG D 64 24.50 10.60 -5.11
C ARG D 64 23.77 9.53 -5.89
N LEU D 65 24.53 8.62 -6.48
CA LEU D 65 23.97 7.56 -7.28
C LEU D 65 23.20 6.51 -6.51
N LEU D 66 23.72 6.08 -5.39
CA LEU D 66 23.05 5.04 -4.64
C LEU D 66 21.96 5.49 -3.70
N LEU D 67 22.12 6.67 -3.11
CA LEU D 67 21.10 7.07 -2.11
C LEU D 67 19.93 7.84 -2.69
N PRO D 68 18.75 7.56 -2.10
CA PRO D 68 17.55 8.31 -2.46
C PRO D 68 17.69 9.83 -2.33
N GLY D 69 16.73 10.45 -2.99
CA GLY D 69 16.52 11.88 -3.19
C GLY D 69 17.14 12.91 -2.25
N GLU D 70 16.57 13.03 -1.11
CA GLU D 70 16.92 14.02 -0.15
C GLU D 70 17.85 13.47 0.96
N LEU D 71 17.80 12.15 1.05
CA LEU D 71 18.57 11.32 1.95
C LEU D 71 20.02 11.35 1.51
N ALA D 72 20.20 11.63 0.24
CA ALA D 72 21.50 11.73 -0.42
C ALA D 72 22.09 13.10 -0.19
N LYS D 73 21.25 14.13 -0.22
CA LYS D 73 21.68 15.51 -0.02
C LYS D 73 22.37 15.71 1.34
N HIS D 74 21.79 15.13 2.38
CA HIS D 74 22.36 15.23 3.72
C HIS D 74 23.69 14.49 3.76
N ALA D 75 23.68 13.24 3.29
CA ALA D 75 24.87 12.42 3.26
C ALA D 75 26.05 13.15 2.60
N VAL D 76 25.76 13.97 1.59
CA VAL D 76 26.81 14.73 0.92
C VAL D 76 27.27 15.85 1.83
N SER D 77 26.30 16.56 2.41
CA SER D 77 26.58 17.66 3.32
C SER D 77 27.44 17.17 4.46
N GLU D 78 26.97 16.14 5.15
CA GLU D 78 27.66 15.51 6.28
C GLU D 78 29.10 15.09 5.92
N GLY D 79 29.26 14.50 4.75
CA GLY D 79 30.55 14.07 4.28
C GLY D 79 31.46 15.24 3.98
N THR D 80 30.92 16.27 3.32
CA THR D 80 31.73 17.44 3.00
C THR D 80 32.11 18.16 4.31
N LYS D 81 31.14 18.30 5.21
CA LYS D 81 31.37 18.93 6.49
C LYS D 81 32.49 18.17 7.18
N ALA D 82 32.33 16.85 7.23
CA ALA D 82 33.31 15.97 7.87
C ALA D 82 34.70 16.01 7.22
N VAL D 83 34.74 15.85 5.90
CA VAL D 83 36.01 15.88 5.18
C VAL D 83 36.75 17.19 5.43
N THR D 84 36.02 18.30 5.28
CA THR D 84 36.60 19.64 5.46
C THR D 84 37.16 19.88 6.86
N LYS D 85 36.45 19.43 7.88
CA LYS D 85 36.96 19.59 9.25
C LYS D 85 38.31 18.90 9.34
N TYR D 86 38.34 17.60 9.01
CA TYR D 86 39.54 16.78 9.03
C TYR D 86 40.73 17.41 8.29
N THR D 87 40.49 17.90 7.08
CA THR D 87 41.55 18.50 6.26
C THR D 87 42.12 19.77 6.90
N SER D 88 41.24 20.64 7.37
CA SER D 88 41.65 21.88 8.01
C SER D 88 42.16 21.56 9.40
N SER D 89 41.43 20.70 10.11
CA SER D 89 41.79 20.26 11.47
C SER D 89 42.98 19.34 11.33
N LYS D 90 44.14 19.89 11.02
CA LYS D 90 45.35 19.09 10.87
C LYS D 90 45.83 18.61 12.24
N LYS E 1 2.82 51.33 2.01
CA LYS E 1 2.43 50.11 2.78
C LYS E 1 3.06 48.86 2.18
N SER E 2 3.19 47.83 3.02
CA SER E 2 3.78 46.52 2.68
C SER E 2 3.15 45.80 1.48
N ARG E 3 4.00 45.27 0.59
CA ARG E 3 3.52 44.54 -0.58
C ARG E 3 2.87 43.22 -0.16
N SER E 4 3.32 42.71 0.99
CA SER E 4 2.81 41.46 1.54
C SER E 4 1.42 41.70 2.11
N SER E 5 1.20 42.88 2.69
CA SER E 5 -0.11 43.21 3.25
C SER E 5 -1.08 43.67 2.17
N ARG E 6 -0.58 44.40 1.16
CA ARG E 6 -1.40 44.85 0.05
C ARG E 6 -2.02 43.65 -0.67
N ALA E 7 -1.28 42.55 -0.70
CA ALA E 7 -1.70 41.31 -1.34
C ALA E 7 -2.40 40.38 -0.34
N GLY E 8 -2.51 40.83 0.90
CA GLY E 8 -3.15 40.03 1.93
C GLY E 8 -2.43 38.71 2.12
N LEU E 9 -1.12 38.77 2.36
CA LEU E 9 -0.31 37.59 2.53
C LEU E 9 0.63 37.63 3.72
N GLN E 10 1.12 36.46 4.10
CA GLN E 10 2.06 36.33 5.19
C GLN E 10 3.47 36.23 4.61
N PHE E 11 3.62 35.37 3.60
CA PHE E 11 4.93 35.21 2.98
C PHE E 11 5.43 36.52 2.35
N PRO E 12 6.73 36.79 2.49
CA PRO E 12 7.40 37.98 1.99
C PRO E 12 7.43 38.12 0.49
N VAL E 13 6.54 38.97 -0.02
CA VAL E 13 6.48 39.22 -1.45
C VAL E 13 7.84 39.73 -1.93
N GLY E 14 8.35 40.71 -1.18
CA GLY E 14 9.62 41.34 -1.49
C GLY E 14 10.74 40.33 -1.62
N ARG E 15 10.90 39.50 -0.59
CA ARG E 15 11.95 38.48 -0.61
C ARG E 15 11.84 37.61 -1.86
N VAL E 16 10.63 37.11 -2.11
CA VAL E 16 10.38 36.27 -3.28
C VAL E 16 10.76 37.03 -4.53
N HIS E 17 10.52 38.34 -4.53
CA HIS E 17 10.85 39.15 -5.69
C HIS E 17 12.36 39.20 -5.92
N ARG E 18 13.12 39.31 -4.82
CA ARG E 18 14.58 39.36 -4.89
C ARG E 18 15.09 38.04 -5.44
N LEU E 19 14.62 36.96 -4.85
CA LEU E 19 15.03 35.62 -5.27
C LEU E 19 14.76 35.38 -6.75
N LEU E 20 13.64 35.86 -7.26
CA LEU E 20 13.33 35.66 -8.67
C LEU E 20 14.38 36.34 -9.56
N ARG E 21 14.77 37.55 -9.27
CA ARG E 21 15.77 38.17 -10.16
C ARG E 21 17.20 37.66 -9.86
N LYS E 22 17.61 37.58 -8.58
CA LYS E 22 18.98 37.17 -8.20
C LYS E 22 19.34 35.88 -8.90
N GLY E 23 18.38 34.93 -8.75
CA GLY E 23 18.37 33.54 -9.25
C GLY E 23 18.77 33.36 -10.73
N ASN E 24 18.64 34.44 -11.48
CA ASN E 24 18.96 34.51 -12.89
C ASN E 24 18.10 33.62 -13.71
N TYR E 25 16.89 33.54 -13.20
CA TYR E 25 15.80 32.80 -13.82
C TYR E 25 15.34 33.57 -15.06
N ALA E 26 15.02 34.84 -14.80
CA ALA E 26 14.57 35.74 -15.87
C ALA E 26 15.51 36.88 -16.16
N GLU E 27 15.16 37.57 -17.21
CA GLU E 27 15.84 38.78 -17.67
C GLU E 27 15.29 39.92 -16.83
N ARG E 28 13.95 39.99 -16.78
CA ARG E 28 13.22 40.91 -15.92
C ARG E 28 11.92 40.18 -15.48
N VAL E 29 11.67 40.12 -14.18
CA VAL E 29 10.44 39.50 -13.66
C VAL E 29 9.41 40.60 -13.41
N GLY E 30 8.17 40.30 -13.79
CA GLY E 30 7.06 41.23 -13.65
C GLY E 30 6.68 41.54 -12.21
N ALA E 31 5.66 42.39 -12.05
CA ALA E 31 5.21 42.79 -10.72
C ALA E 31 4.37 41.75 -9.97
N GLY E 32 3.48 41.08 -10.68
CA GLY E 32 2.62 40.09 -10.06
C GLY E 32 3.27 38.74 -9.83
N ALA E 33 4.39 38.52 -10.50
CA ALA E 33 5.07 37.26 -10.38
C ALA E 33 5.36 36.87 -8.92
N PRO E 34 6.16 37.66 -8.20
CA PRO E 34 6.43 37.27 -6.81
C PRO E 34 5.20 37.19 -5.93
N VAL E 35 4.20 38.02 -6.21
CA VAL E 35 3.00 38.02 -5.39
C VAL E 35 2.21 36.73 -5.61
N TYR E 36 2.20 36.23 -6.85
CA TYR E 36 1.50 34.99 -7.17
C TYR E 36 2.29 33.83 -6.49
N LEU E 37 3.61 33.77 -6.74
CA LEU E 37 4.46 32.73 -6.18
C LEU E 37 4.43 32.72 -4.66
N ALA E 38 4.53 33.90 -4.07
CA ALA E 38 4.50 34.02 -2.62
C ALA E 38 3.18 33.45 -2.13
N ALA E 39 2.13 33.71 -2.88
CA ALA E 39 0.79 33.26 -2.56
C ALA E 39 0.67 31.75 -2.55
N VAL E 40 1.24 31.11 -3.58
CA VAL E 40 1.21 29.64 -3.70
C VAL E 40 2.03 29.00 -2.60
N LEU E 41 3.17 29.61 -2.28
CA LEU E 41 4.04 29.10 -1.24
C LEU E 41 3.31 29.11 0.09
N GLU E 42 2.66 30.22 0.40
CA GLU E 42 1.93 30.36 1.64
C GLU E 42 0.81 29.34 1.69
N TYR E 43 0.11 29.18 0.57
CA TYR E 43 -0.97 28.20 0.51
C TYR E 43 -0.48 26.80 0.87
N LEU E 44 0.45 26.26 0.07
CA LEU E 44 1.01 24.94 0.32
C LEU E 44 1.53 24.80 1.75
N THR E 45 2.14 25.86 2.27
CA THR E 45 2.66 25.83 3.63
C THR E 45 1.53 25.58 4.59
N ALA E 46 0.44 26.34 4.43
CA ALA E 46 -0.74 26.23 5.27
C ALA E 46 -1.33 24.82 5.18
N GLU E 47 -1.41 24.32 3.95
CA GLU E 47 -1.95 22.99 3.70
C GLU E 47 -1.24 21.90 4.48
N ILE E 48 0.04 21.70 4.20
CA ILE E 48 0.79 20.66 4.89
C ILE E 48 0.90 20.93 6.39
N LEU E 49 0.93 22.21 6.75
CA LEU E 49 1.03 22.61 8.15
C LEU E 49 -0.25 22.25 8.90
N GLU E 50 -1.37 22.30 8.18
CA GLU E 50 -2.68 21.98 8.74
C GLU E 50 -2.73 20.49 9.04
N LEU E 51 -2.59 19.67 7.99
CA LEU E 51 -2.59 18.21 8.12
C LEU E 51 -1.57 17.76 9.17
N ALA E 52 -0.43 18.44 9.22
CA ALA E 52 0.63 18.12 10.17
C ALA E 52 0.12 18.39 11.57
N GLY E 53 -0.48 19.57 11.76
CA GLY E 53 -1.01 19.95 13.06
C GLY E 53 -2.04 18.95 13.54
N ASN E 54 -2.84 18.42 12.61
CA ASN E 54 -3.86 17.45 12.95
C ASN E 54 -3.19 16.20 13.52
N ALA E 55 -2.25 15.64 12.78
CA ALA E 55 -1.54 14.45 13.22
C ALA E 55 -0.87 14.65 14.58
N ALA E 56 -0.46 15.88 14.87
CA ALA E 56 0.18 16.17 16.14
C ALA E 56 -0.81 15.98 17.28
N ARG E 57 -2.04 16.45 17.04
CA ARG E 57 -3.11 16.34 18.03
C ARG E 57 -3.51 14.89 18.18
N ASP E 58 -3.80 14.25 17.05
CA ASP E 58 -4.21 12.84 17.02
C ASP E 58 -3.38 11.91 17.88
N ASN E 59 -2.07 12.12 17.92
CA ASN E 59 -1.20 11.31 18.77
C ASN E 59 -1.54 11.73 20.19
N LYS E 60 -0.86 12.81 20.63
CA LYS E 60 -1.12 13.36 21.95
C LYS E 60 -0.45 14.74 22.16
N LYS E 61 0.40 15.16 21.22
CA LYS E 61 1.18 16.38 21.41
C LYS E 61 0.63 17.72 20.93
N THR E 62 1.38 18.79 21.34
CA THR E 62 1.10 20.20 20.98
C THR E 62 2.15 20.72 20.01
N ARG E 63 3.37 20.18 20.06
CA ARG E 63 4.44 20.61 19.14
C ARG E 63 4.46 19.65 17.95
N ILE E 64 4.59 20.20 16.75
CA ILE E 64 4.66 19.40 15.52
C ILE E 64 6.10 19.01 15.27
N ILE E 65 6.37 17.71 15.27
CA ILE E 65 7.72 17.24 14.98
C ILE E 65 7.68 16.61 13.60
N PRO E 66 8.86 16.45 12.97
CA PRO E 66 8.98 15.86 11.63
C PRO E 66 8.03 14.68 11.35
N ARG E 67 7.91 13.77 12.31
CA ARG E 67 7.03 12.61 12.18
C ARG E 67 5.66 13.03 11.70
N HIS E 68 5.19 14.16 12.21
CA HIS E 68 3.88 14.66 11.84
C HIS E 68 3.88 15.11 10.41
N LEU E 69 4.90 15.88 10.03
CA LEU E 69 5.00 16.34 8.64
C LEU E 69 4.96 15.10 7.76
N GLN E 70 5.79 14.12 8.11
CA GLN E 70 5.86 12.88 7.36
C GLN E 70 4.47 12.23 7.26
N LEU E 71 3.95 11.76 8.40
CA LEU E 71 2.63 11.12 8.47
C LEU E 71 1.60 11.90 7.70
N ALA E 72 1.71 13.23 7.76
CA ALA E 72 0.80 14.14 7.09
C ALA E 72 0.94 14.04 5.60
N ILE E 73 2.15 14.30 5.13
CA ILE E 73 2.47 14.27 3.70
C ILE E 73 2.14 12.93 3.04
N ARG E 74 2.52 11.85 3.70
CA ARG E 74 2.31 10.52 3.15
C ARG E 74 0.86 10.10 3.11
N ASN E 75 0.07 10.57 4.06
CA ASN E 75 -1.33 10.19 4.09
C ASN E 75 -2.23 10.92 3.11
N ASP E 76 -1.89 12.17 2.77
CA ASP E 76 -2.66 12.90 1.77
C ASP E 76 -2.10 12.34 0.48
N GLU E 77 -2.98 11.76 -0.33
CA GLU E 77 -2.60 11.17 -1.60
C GLU E 77 -2.01 12.19 -2.56
N GLU E 78 -2.56 13.40 -2.54
CA GLU E 78 -2.12 14.48 -3.43
C GLU E 78 -0.76 15.08 -3.07
N LEU E 79 -0.52 15.26 -1.78
CA LEU E 79 0.72 15.82 -1.25
C LEU E 79 1.84 14.81 -1.39
N ASN E 80 1.48 13.54 -1.30
CA ASN E 80 2.43 12.44 -1.43
C ASN E 80 3.07 12.40 -2.82
N LYS E 81 2.34 12.85 -3.85
CA LYS E 81 2.87 12.86 -5.21
C LYS E 81 3.89 13.98 -5.34
N LEU E 82 3.50 15.16 -4.87
CA LEU E 82 4.34 16.35 -4.92
C LEU E 82 5.70 16.11 -4.28
N LEU E 83 5.68 15.60 -3.06
CA LEU E 83 6.89 15.32 -2.31
C LEU E 83 7.16 13.83 -2.38
N GLY E 84 7.07 13.27 -3.59
CA GLY E 84 7.28 11.84 -3.80
C GLY E 84 8.71 11.40 -3.60
N LYS E 85 9.63 12.14 -4.21
CA LYS E 85 11.05 11.82 -4.10
C LYS E 85 11.72 12.73 -3.08
N VAL E 86 11.02 12.99 -1.98
CA VAL E 86 11.53 13.84 -0.92
C VAL E 86 11.69 13.00 0.33
N THR E 87 12.79 13.22 1.06
CA THR E 87 13.05 12.49 2.28
C THR E 87 12.97 13.43 3.47
N ILE E 88 12.03 13.16 4.37
CA ILE E 88 11.84 13.97 5.55
C ILE E 88 12.79 13.46 6.62
N ALA E 89 13.78 14.27 6.96
CA ALA E 89 14.75 13.92 7.99
C ALA E 89 14.03 13.70 9.30
N GLN E 90 14.20 12.50 9.85
CA GLN E 90 13.56 12.10 11.09
C GLN E 90 12.08 11.97 10.91
N GLY E 91 11.66 11.81 9.65
CA GLY E 91 10.25 11.66 9.39
C GLY E 91 9.80 10.22 9.63
N SER F 1 14.90 31.05 7.99
CA SER F 1 14.83 31.82 6.72
C SER F 1 13.37 32.16 6.41
N TYR F 2 12.48 31.20 6.65
CA TYR F 2 11.04 31.40 6.43
C TYR F 2 10.32 31.24 7.75
N SER F 3 11.05 30.69 8.72
CA SER F 3 10.58 30.44 10.08
C SER F 3 9.58 31.47 10.60
N ILE F 4 9.86 32.75 10.36
CA ILE F 4 8.96 33.82 10.78
C ILE F 4 7.56 33.55 10.21
N TYR F 5 7.50 33.58 8.88
CA TYR F 5 6.29 33.36 8.09
C TYR F 5 5.62 32.04 8.36
N VAL F 6 6.36 30.94 8.24
CA VAL F 6 5.76 29.64 8.49
C VAL F 6 5.15 29.57 9.89
N TYR F 7 5.75 30.28 10.84
CA TYR F 7 5.19 30.28 12.20
C TYR F 7 3.92 31.12 12.15
N LYS F 8 3.99 32.27 11.48
CA LYS F 8 2.84 33.16 11.33
C LYS F 8 1.67 32.41 10.69
N VAL F 9 1.97 31.57 9.69
CA VAL F 9 0.95 30.80 9.01
C VAL F 9 0.41 29.72 9.94
N LEU F 10 1.29 29.15 10.74
CA LEU F 10 0.91 28.10 11.68
C LEU F 10 -0.15 28.57 12.67
N LYS F 11 0.11 29.70 13.32
CA LYS F 11 -0.83 30.23 14.31
C LYS F 11 -2.18 30.49 13.62
N GLN F 12 -2.11 30.91 12.35
CA GLN F 12 -3.29 31.21 11.56
C GLN F 12 -4.12 29.95 11.35
N VAL F 13 -3.46 28.80 11.27
CA VAL F 13 -4.15 27.53 11.04
C VAL F 13 -4.44 26.73 12.30
N HIS F 14 -3.47 26.69 13.21
CA HIS F 14 -3.59 26.00 14.48
C HIS F 14 -2.97 26.98 15.48
N PRO F 15 -3.80 27.86 16.07
CA PRO F 15 -3.37 28.89 17.03
C PRO F 15 -3.08 28.35 18.42
N ASP F 16 -2.59 27.12 18.51
CA ASP F 16 -2.33 26.51 19.82
C ASP F 16 -1.35 25.37 19.71
N THR F 17 -0.98 25.05 18.48
CA THR F 17 -0.07 23.96 18.17
C THR F 17 1.27 24.52 17.74
N GLY F 18 2.31 24.20 18.52
CA GLY F 18 3.66 24.66 18.22
C GLY F 18 4.38 23.77 17.22
N ILE F 19 5.62 24.13 16.88
CA ILE F 19 6.40 23.36 15.92
C ILE F 19 7.86 23.32 16.36
N SER F 20 8.50 22.15 16.25
CA SER F 20 9.90 22.00 16.64
C SER F 20 10.86 22.69 15.69
N SER F 21 12.05 22.97 16.19
CA SER F 21 13.10 23.63 15.40
C SER F 21 13.48 22.73 14.24
N LYS F 22 13.58 21.44 14.52
CA LYS F 22 13.93 20.44 13.52
C LYS F 22 12.82 20.32 12.48
N ALA F 23 11.58 20.46 12.91
CA ALA F 23 10.45 20.38 12.02
C ALA F 23 10.41 21.66 11.22
N MET F 24 10.86 22.73 11.83
CA MET F 24 10.91 24.03 11.16
C MET F 24 11.95 23.95 10.05
N GLY F 25 12.99 23.17 10.31
CA GLY F 25 14.05 22.99 9.34
C GLY F 25 13.44 22.40 8.09
N ILE F 26 12.65 21.36 8.27
CA ILE F 26 11.96 20.70 7.17
C ILE F 26 11.09 21.67 6.39
N MET F 27 10.25 22.42 7.10
CA MET F 27 9.36 23.39 6.46
C MET F 27 10.14 24.34 5.59
N ASN F 28 11.28 24.80 6.09
CA ASN F 28 12.11 25.69 5.31
C ASN F 28 12.62 24.99 4.05
N SER F 29 12.95 23.72 4.16
CA SER F 29 13.43 22.98 3.00
C SER F 29 12.32 22.89 1.96
N PHE F 30 11.11 22.66 2.44
CA PHE F 30 9.94 22.57 1.60
C PHE F 30 9.71 23.87 0.83
N VAL F 31 9.74 24.97 1.57
CA VAL F 31 9.49 26.25 0.93
C VAL F 31 10.50 26.54 -0.15
N ASN F 32 11.78 26.32 0.14
CA ASN F 32 12.81 26.59 -0.86
C ASN F 32 12.69 25.65 -2.04
N ASP F 33 12.36 24.40 -1.74
CA ASP F 33 12.24 23.41 -2.77
C ASP F 33 11.23 23.79 -3.84
N ILE F 34 9.95 23.83 -3.47
CA ILE F 34 8.91 24.12 -4.43
C ILE F 34 9.04 25.51 -5.05
N PHE F 35 9.82 26.37 -4.41
CA PHE F 35 10.08 27.70 -4.95
C PHE F 35 10.97 27.48 -6.16
N GLU F 36 12.07 26.74 -5.91
CA GLU F 36 13.06 26.39 -6.92
C GLU F 36 12.41 25.67 -8.09
N ARG F 37 11.48 24.76 -7.76
CA ARG F 37 10.77 24.00 -8.76
C ARG F 37 9.90 24.86 -9.65
N ILE F 38 9.08 25.69 -9.01
CA ILE F 38 8.15 26.56 -9.72
C ILE F 38 8.82 27.61 -10.57
N ALA F 39 9.87 28.22 -10.02
CA ALA F 39 10.61 29.25 -10.73
C ALA F 39 11.38 28.64 -11.87
N GLY F 40 11.76 27.37 -11.72
CA GLY F 40 12.50 26.66 -12.74
C GLY F 40 11.62 26.47 -13.95
N GLU F 41 10.41 25.96 -13.74
CA GLU F 41 9.48 25.74 -14.84
C GLU F 41 9.05 27.06 -15.42
N ALA F 42 8.75 28.03 -14.57
CA ALA F 42 8.33 29.34 -15.03
C ALA F 42 9.37 29.85 -16.01
N SER F 43 10.64 29.75 -15.62
CA SER F 43 11.76 30.20 -16.43
C SER F 43 11.86 29.43 -17.73
N ARG F 44 11.56 28.14 -17.64
CA ARG F 44 11.60 27.24 -18.79
C ARG F 44 10.51 27.67 -19.79
N LEU F 45 9.31 27.94 -19.26
CA LEU F 45 8.18 28.37 -20.06
C LEU F 45 8.45 29.68 -20.81
N ALA F 46 9.17 30.58 -20.16
CA ALA F 46 9.47 31.86 -20.76
C ALA F 46 10.44 31.74 -21.91
N HIS F 47 11.47 30.90 -21.77
CA HIS F 47 12.43 30.73 -22.85
C HIS F 47 11.77 30.06 -24.07
N TYR F 48 10.92 29.07 -23.81
CA TYR F 48 10.20 28.36 -24.88
C TYR F 48 9.39 29.32 -25.71
N ASN F 49 8.74 30.27 -25.03
CA ASN F 49 7.89 31.25 -25.69
C ASN F 49 8.62 32.54 -25.96
N LYS F 50 9.94 32.41 -26.08
CA LYS F 50 10.84 33.52 -26.36
C LYS F 50 10.44 34.87 -25.74
N ARG F 51 10.17 34.83 -24.44
CA ARG F 51 9.81 36.01 -23.65
C ARG F 51 10.97 36.25 -22.68
N SER F 52 11.38 37.51 -22.57
CA SER F 52 12.49 37.85 -21.70
C SER F 52 12.08 38.12 -20.26
N THR F 53 10.78 38.11 -20.01
CA THR F 53 10.25 38.37 -18.68
C THR F 53 9.36 37.26 -18.11
N ILE F 54 9.51 36.97 -16.83
CA ILE F 54 8.67 35.98 -16.17
C ILE F 54 7.41 36.63 -15.64
N THR F 55 6.30 36.47 -16.35
CA THR F 55 5.02 37.04 -15.93
C THR F 55 4.38 36.12 -14.90
N SER F 56 3.29 36.59 -14.30
CA SER F 56 2.58 35.81 -13.31
C SER F 56 1.89 34.71 -14.10
N ARG F 57 1.70 34.96 -15.39
CA ARG F 57 1.06 33.97 -16.24
C ARG F 57 1.94 32.73 -16.40
N GLU F 58 3.22 32.88 -16.11
CA GLU F 58 4.17 31.79 -16.17
C GLU F 58 4.17 31.05 -14.86
N ILE F 59 4.02 31.78 -13.77
CA ILE F 59 3.99 31.17 -12.44
C ILE F 59 2.77 30.25 -12.35
N GLN F 60 1.70 30.70 -13.00
CA GLN F 60 0.45 29.97 -13.01
C GLN F 60 0.56 28.68 -13.78
N THR F 61 1.03 28.77 -15.03
CA THR F 61 1.19 27.59 -15.86
C THR F 61 2.19 26.65 -15.21
N ALA F 62 3.23 27.22 -14.60
CA ALA F 62 4.21 26.40 -13.92
C ALA F 62 3.51 25.63 -12.80
N VAL F 63 2.64 26.31 -12.08
CA VAL F 63 1.89 25.72 -10.97
C VAL F 63 0.97 24.60 -11.45
N ARG F 64 0.39 24.78 -12.64
CA ARG F 64 -0.51 23.77 -13.17
C ARG F 64 0.30 22.53 -13.50
N LEU F 65 1.48 22.76 -14.07
CA LEU F 65 2.35 21.68 -14.47
C LEU F 65 2.96 20.88 -13.33
N LEU F 66 3.44 21.57 -12.32
CA LEU F 66 4.08 20.87 -11.22
C LEU F 66 3.18 20.32 -10.15
N LEU F 67 2.08 21.01 -9.87
CA LEU F 67 1.24 20.53 -8.75
C LEU F 67 0.16 19.55 -9.16
N PRO F 68 -0.07 18.57 -8.25
CA PRO F 68 -1.16 17.62 -8.44
C PRO F 68 -2.52 18.26 -8.66
N GLY F 69 -3.38 17.39 -9.18
CA GLY F 69 -4.75 17.58 -9.60
C GLY F 69 -5.58 18.75 -9.08
N GLU F 70 -6.03 18.63 -7.88
CA GLU F 70 -6.91 19.55 -7.27
C GLU F 70 -6.19 20.55 -6.33
N LEU F 71 -4.99 20.13 -5.96
CA LEU F 71 -4.04 20.83 -5.14
C LEU F 71 -3.49 22.02 -5.93
N ALA F 72 -3.56 21.87 -7.23
CA ALA F 72 -3.12 22.86 -8.20
C ALA F 72 -4.21 23.90 -8.42
N LYS F 73 -5.45 23.45 -8.45
CA LYS F 73 -6.60 24.34 -8.64
C LYS F 73 -6.68 25.43 -7.57
N HIS F 74 -6.46 25.06 -6.33
CA HIS F 74 -6.50 26.01 -5.22
C HIS F 74 -5.34 26.98 -5.36
N ALA F 75 -4.14 26.44 -5.56
CA ALA F 75 -2.94 27.25 -5.71
C ALA F 75 -3.13 28.34 -6.78
N VAL F 76 -3.88 28.02 -7.83
CA VAL F 76 -4.14 28.99 -8.89
C VAL F 76 -5.11 30.03 -8.37
N SER F 77 -6.17 29.56 -7.72
CA SER F 77 -7.19 30.44 -7.16
C SER F 77 -6.54 31.41 -6.19
N GLU F 78 -5.83 30.87 -5.21
CA GLU F 78 -5.11 31.65 -4.19
C GLU F 78 -4.18 32.70 -4.81
N GLY F 79 -3.46 32.29 -5.84
CA GLY F 79 -2.53 33.18 -6.52
C GLY F 79 -3.27 34.26 -7.27
N THR F 80 -4.33 33.90 -7.96
CA THR F 80 -5.11 34.90 -8.71
C THR F 80 -5.77 35.86 -7.71
N LYS F 81 -6.34 35.31 -6.65
CA LYS F 81 -6.98 36.12 -5.62
C LYS F 81 -5.94 37.09 -5.10
N ALA F 82 -4.78 36.56 -4.74
CA ALA F 82 -3.68 37.36 -4.21
C ALA F 82 -3.16 38.41 -5.18
N VAL F 83 -2.86 38.00 -6.40
CA VAL F 83 -2.35 38.94 -7.41
C VAL F 83 -3.33 40.08 -7.63
N THR F 84 -4.60 39.73 -7.81
CA THR F 84 -5.65 40.71 -8.06
C THR F 84 -5.82 41.73 -6.93
N LYS F 85 -5.75 41.26 -5.69
CA LYS F 85 -5.88 42.18 -4.56
C LYS F 85 -4.75 43.21 -4.67
N TYR F 86 -3.51 42.73 -4.73
CA TYR F 86 -2.32 43.56 -4.84
C TYR F 86 -2.40 44.60 -5.96
N THR F 87 -2.81 44.17 -7.15
CA THR F 87 -2.91 45.06 -8.32
C THR F 87 -3.94 46.17 -8.12
N SER F 88 -5.11 45.78 -7.62
CA SER F 88 -6.18 46.75 -7.37
C SER F 88 -5.86 47.53 -6.13
N SER F 89 -5.39 46.83 -5.10
CA SER F 89 -4.99 47.43 -3.80
C SER F 89 -3.69 48.16 -4.05
N LYS F 90 -3.76 49.28 -4.75
CA LYS F 90 -2.57 50.07 -5.04
C LYS F 90 -2.09 50.78 -3.76
N LYS G 1 -46.81 19.23 -9.28
CA LYS G 1 -45.90 18.73 -8.20
C LYS G 1 -44.45 18.72 -8.68
N SER G 2 -43.53 18.77 -7.70
CA SER G 2 -42.08 18.79 -7.91
C SER G 2 -41.51 17.63 -8.74
N ARG G 3 -40.62 17.95 -9.68
CA ARG G 3 -39.98 16.94 -10.52
C ARG G 3 -39.04 16.07 -9.69
N SER G 4 -38.52 16.66 -8.62
CA SER G 4 -37.61 15.98 -7.71
C SER G 4 -38.39 14.98 -6.87
N SER G 5 -39.62 15.33 -6.50
CA SER G 5 -40.46 14.43 -5.71
C SER G 5 -41.12 13.37 -6.59
N ARG G 6 -41.50 13.75 -7.81
CA ARG G 6 -42.11 12.80 -8.75
C ARG G 6 -41.15 11.65 -9.03
N ALA G 7 -39.85 11.97 -9.02
CA ALA G 7 -38.79 11.00 -9.27
C ALA G 7 -38.28 10.38 -7.96
N GLY G 8 -38.87 10.80 -6.85
CA GLY G 8 -38.46 10.30 -5.55
C GLY G 8 -37.00 10.59 -5.28
N LEU G 9 -36.61 11.85 -5.39
CA LEU G 9 -35.23 12.26 -5.20
C LEU G 9 -35.08 13.49 -4.32
N GLN G 10 -33.85 13.69 -3.84
CA GLN G 10 -33.50 14.82 -3.02
C GLN G 10 -32.85 15.88 -3.90
N PHE G 11 -31.89 15.44 -4.72
CA PHE G 11 -31.20 16.36 -5.61
C PHE G 11 -32.17 17.03 -6.59
N PRO G 12 -31.96 18.33 -6.84
CA PRO G 12 -32.78 19.15 -7.73
C PRO G 12 -32.75 18.76 -9.18
N VAL G 13 -33.80 18.08 -9.62
CA VAL G 13 -33.89 17.65 -11.01
C VAL G 13 -33.84 18.89 -11.90
N GLY G 14 -34.64 19.89 -11.52
CA GLY G 14 -34.73 21.13 -12.26
C GLY G 14 -33.39 21.79 -12.47
N ARG G 15 -32.67 21.98 -11.37
CA ARG G 15 -31.34 22.59 -11.44
C ARG G 15 -30.45 21.85 -12.41
N VAL G 16 -30.38 20.53 -12.25
CA VAL G 16 -29.57 19.68 -13.12
C VAL G 16 -30.01 19.88 -14.55
N HIS G 17 -31.31 20.07 -14.76
CA HIS G 17 -31.83 20.26 -16.11
C HIS G 17 -31.31 21.57 -16.71
N ARG G 18 -31.25 22.62 -15.89
CA ARG G 18 -30.77 23.93 -16.32
C ARG G 18 -29.31 23.81 -16.71
N LEU G 19 -28.53 23.23 -15.81
CA LEU G 19 -27.10 23.05 -16.04
C LEU G 19 -26.81 22.28 -17.32
N LEU G 20 -27.61 21.26 -17.62
CA LEU G 20 -27.38 20.49 -18.84
C LEU G 20 -27.54 21.37 -20.08
N ARG G 21 -28.55 22.20 -20.15
CA ARG G 21 -28.67 23.01 -21.37
C ARG G 21 -27.72 24.23 -21.34
N LYS G 22 -27.64 24.96 -20.22
CA LYS G 22 -26.82 26.19 -20.12
C LYS G 22 -25.40 25.89 -20.61
N GLY G 23 -24.89 24.77 -20.03
CA GLY G 23 -23.55 24.18 -20.22
C GLY G 23 -23.09 24.02 -21.68
N ASN G 24 -24.05 24.02 -22.58
CA ASN G 24 -23.86 23.90 -24.01
C ASN G 24 -23.25 22.59 -24.38
N TYR G 25 -23.68 21.63 -23.58
CA TYR G 25 -23.31 20.23 -23.75
C TYR G 25 -24.06 19.68 -24.96
N ALA G 26 -25.37 19.87 -24.89
CA ALA G 26 -26.26 19.42 -25.97
C ALA G 26 -26.95 20.53 -26.72
N GLU G 27 -27.61 20.12 -27.77
CA GLU G 27 -28.45 20.97 -28.62
C GLU G 27 -29.77 21.08 -27.92
N ARG G 28 -30.34 19.92 -27.55
CA ARG G 28 -31.54 19.79 -26.74
C ARG G 28 -31.38 18.54 -25.84
N VAL G 29 -31.55 18.70 -24.54
CA VAL G 29 -31.46 17.55 -23.61
C VAL G 29 -32.88 17.06 -23.34
N GLY G 30 -33.01 15.73 -23.33
CA GLY G 30 -34.28 15.07 -23.10
C GLY G 30 -34.86 15.27 -21.71
N ALA G 31 -36.02 14.66 -21.47
CA ALA G 31 -36.70 14.79 -20.18
C ALA G 31 -36.12 13.95 -19.05
N GLY G 32 -35.74 12.71 -19.36
CA GLY G 32 -35.20 11.83 -18.36
C GLY G 32 -33.74 12.05 -18.03
N ALA G 33 -33.05 12.79 -18.90
CA ALA G 33 -31.65 13.05 -18.69
C ALA G 33 -31.35 13.63 -17.31
N PRO G 34 -31.87 14.82 -16.99
CA PRO G 34 -31.55 15.35 -15.66
C PRO G 34 -32.01 14.49 -14.50
N VAL G 35 -33.11 13.77 -14.69
CA VAL G 35 -33.62 12.95 -13.61
C VAL G 35 -32.69 11.76 -13.36
N TYR G 36 -32.11 11.22 -14.42
CA TYR G 36 -31.17 10.11 -14.30
C TYR G 36 -29.89 10.66 -13.62
N LEU G 37 -29.33 11.76 -14.18
CA LEU G 37 -28.11 12.36 -13.65
C LEU G 37 -28.27 12.80 -12.20
N ALA G 38 -29.40 13.44 -11.91
CA ALA G 38 -29.67 13.89 -10.55
C ALA G 38 -29.65 12.68 -9.64
N ALA G 39 -30.21 11.58 -10.14
CA ALA G 39 -30.30 10.34 -9.41
C ALA G 39 -28.93 9.76 -9.05
N VAL G 40 -28.03 9.76 -10.04
CA VAL G 40 -26.68 9.24 -9.85
C VAL G 40 -25.90 10.11 -8.89
N LEU G 41 -26.10 11.42 -9.00
CA LEU G 41 -25.42 12.36 -8.12
C LEU G 41 -25.82 12.12 -6.69
N GLU G 42 -27.12 11.98 -6.46
CA GLU G 42 -27.64 11.74 -5.12
C GLU G 42 -27.10 10.43 -4.59
N TYR G 43 -27.08 9.41 -5.44
CA TYR G 43 -26.56 8.12 -5.03
C TYR G 43 -25.12 8.23 -4.52
N LEU G 44 -24.21 8.65 -5.40
CA LEU G 44 -22.80 8.82 -5.04
C LEU G 44 -22.64 9.68 -3.79
N THR G 45 -23.46 10.73 -3.67
CA THR G 45 -23.39 11.60 -2.51
C THR G 45 -23.66 10.79 -1.26
N ALA G 46 -24.74 10.00 -1.30
CA ALA G 46 -25.14 9.17 -0.18
C ALA G 46 -24.05 8.17 0.17
N GLU G 47 -23.47 7.55 -0.87
CA GLU G 47 -22.41 6.58 -0.70
C GLU G 47 -21.24 7.12 0.08
N ILE G 48 -20.55 8.12 -0.46
CA ILE G 48 -19.39 8.68 0.21
C ILE G 48 -19.76 9.32 1.55
N LEU G 49 -20.97 9.86 1.62
CA LEU G 49 -21.46 10.51 2.84
C LEU G 49 -21.66 9.48 3.94
N GLU G 50 -22.04 8.26 3.54
CA GLU G 50 -22.26 7.15 4.46
C GLU G 50 -20.93 6.73 5.06
N LEU G 51 -20.01 6.29 4.20
CA LEU G 51 -18.67 5.87 4.62
C LEU G 51 -18.00 6.97 5.45
N ALA G 52 -18.22 8.22 5.07
CA ALA G 52 -17.65 9.36 5.77
C ALA G 52 -18.23 9.42 7.16
N GLY G 53 -19.55 9.31 7.25
CA GLY G 53 -20.23 9.35 8.54
C GLY G 53 -19.72 8.25 9.45
N ASN G 54 -19.42 7.09 8.88
CA ASN G 54 -18.91 5.97 9.67
C ASN G 54 -17.59 6.35 10.29
N ALA G 55 -16.65 6.79 9.46
CA ALA G 55 -15.33 7.20 9.94
C ALA G 55 -15.42 8.27 11.02
N ALA G 56 -16.45 9.13 10.95
CA ALA G 56 -16.62 10.17 11.93
C ALA G 56 -16.92 9.57 13.29
N ARG G 57 -17.77 8.55 13.28
CA ARG G 57 -18.16 7.86 14.51
C ARG G 57 -16.97 7.08 15.05
N ASP G 58 -16.36 6.28 14.18
CA ASP G 58 -15.20 5.45 14.54
C ASP G 58 -14.14 6.18 15.33
N ASN G 59 -13.86 7.44 15.00
CA ASN G 59 -12.88 8.21 15.76
C ASN G 59 -13.54 8.48 17.09
N LYS G 60 -14.36 9.56 17.12
CA LYS G 60 -15.08 9.91 18.32
C LYS G 60 -16.14 11.01 18.07
N LYS G 61 -16.13 11.62 16.88
CA LYS G 61 -17.01 12.76 16.62
C LYS G 61 -18.40 12.53 16.03
N THR G 62 -19.16 13.67 16.01
CA THR G 62 -20.54 13.75 15.45
C THR G 62 -20.55 14.56 14.16
N ARG G 63 -19.61 15.50 14.01
CA ARG G 63 -19.52 16.32 12.79
C ARG G 63 -18.50 15.67 11.85
N ILE G 64 -18.84 15.59 10.57
CA ILE G 64 -17.95 15.02 9.55
C ILE G 64 -17.04 16.12 9.03
N ILE G 65 -15.73 15.96 9.23
CA ILE G 65 -14.79 16.93 8.71
C ILE G 65 -14.07 16.28 7.54
N PRO G 66 -13.43 17.09 6.68
CA PRO G 66 -12.71 16.60 5.50
C PRO G 66 -11.92 15.31 5.71
N ARG G 67 -11.22 15.20 6.84
CA ARG G 67 -10.44 14.01 7.18
C ARG G 67 -11.28 12.76 6.98
N HIS G 68 -12.55 12.85 7.35
CA HIS G 68 -13.44 11.71 7.23
C HIS G 68 -13.71 11.42 5.79
N LEU G 69 -14.02 12.46 5.01
CA LEU G 69 -14.26 12.26 3.59
C LEU G 69 -13.04 11.56 3.01
N GLN G 70 -11.87 12.11 3.33
CA GLN G 70 -10.61 11.56 2.86
C GLN G 70 -10.50 10.08 3.24
N LEU G 71 -10.37 9.81 4.55
CA LEU G 71 -10.24 8.45 5.08
C LEU G 71 -11.27 7.51 4.45
N ALA G 72 -12.46 8.05 4.21
CA ALA G 72 -13.57 7.33 3.63
C ALA G 72 -13.27 6.96 2.20
N ILE G 73 -13.02 7.99 1.39
CA ILE G 73 -12.73 7.83 -0.03
C ILE G 73 -11.54 6.91 -0.30
N ARG G 74 -10.47 7.11 0.45
CA ARG G 74 -9.26 6.34 0.24
C ARG G 74 -9.38 4.88 0.66
N ASN G 75 -10.21 4.62 1.67
CA ASN G 75 -10.36 3.25 2.12
C ASN G 75 -11.26 2.37 1.28
N ASP G 76 -12.25 2.96 0.62
CA ASP G 76 -13.10 2.19 -0.29
C ASP G 76 -12.25 2.12 -1.53
N GLU G 77 -11.95 0.90 -1.96
CA GLU G 77 -11.12 0.67 -3.14
C GLU G 77 -11.77 1.24 -4.41
N GLU G 78 -13.08 1.12 -4.49
CA GLU G 78 -13.82 1.58 -5.67
C GLU G 78 -13.94 3.10 -5.79
N LEU G 79 -14.15 3.76 -4.66
CA LEU G 79 -14.29 5.22 -4.59
C LEU G 79 -12.93 5.86 -4.80
N ASN G 80 -11.89 5.18 -4.36
CA ASN G 80 -10.52 5.65 -4.51
C ASN G 80 -10.10 5.78 -5.97
N LYS G 81 -10.68 4.94 -6.85
CA LYS G 81 -10.35 5.01 -8.28
C LYS G 81 -11.01 6.24 -8.88
N LEU G 82 -12.30 6.40 -8.58
CA LEU G 82 -13.09 7.51 -9.09
C LEU G 82 -12.45 8.86 -8.78
N LEU G 83 -12.11 9.05 -7.51
CA LEU G 83 -11.50 10.28 -7.05
C LEU G 83 -10.01 10.03 -6.88
N GLY G 84 -9.40 9.41 -7.88
CA GLY G 84 -7.97 9.09 -7.85
C GLY G 84 -7.07 10.28 -7.93
N LYS G 85 -7.36 11.16 -8.88
CA LYS G 85 -6.56 12.37 -9.07
C LYS G 85 -7.28 13.57 -8.46
N VAL G 86 -7.89 13.36 -7.30
CA VAL G 86 -8.60 14.41 -6.59
C VAL G 86 -7.90 14.68 -5.29
N THR G 87 -7.79 15.95 -4.92
CA THR G 87 -7.14 16.34 -3.68
C THR G 87 -8.16 16.94 -2.72
N ILE G 88 -8.35 16.28 -1.58
CA ILE G 88 -9.29 16.72 -0.58
C ILE G 88 -8.58 17.74 0.30
N ALA G 89 -9.02 18.99 0.20
CA ALA G 89 -8.44 20.07 1.00
C ALA G 89 -8.65 19.75 2.47
N GLN G 90 -7.52 19.71 3.19
CA GLN G 90 -7.51 19.38 4.61
C GLN G 90 -7.91 17.95 4.83
N GLY G 91 -7.79 17.14 3.78
CA GLY G 91 -8.11 15.74 3.92
C GLY G 91 -6.98 14.97 4.55
N SER H 1 -24.29 25.56 -2.53
CA SER H 1 -24.90 25.35 -3.87
C SER H 1 -25.70 24.05 -3.87
N TYR H 2 -25.16 23.02 -3.22
CA TYR H 2 -25.84 21.74 -3.10
C TYR H 2 -26.08 21.44 -1.64
N SER H 3 -25.41 22.22 -0.80
CA SER H 3 -25.49 22.13 0.66
C SER H 3 -26.87 21.72 1.19
N ILE H 4 -27.93 22.29 0.63
CA ILE H 4 -29.29 21.96 1.04
C ILE H 4 -29.48 20.44 0.91
N TYR H 5 -29.38 19.98 -0.34
CA TYR H 5 -29.54 18.59 -0.74
C TYR H 5 -28.58 17.65 -0.04
N VAL H 6 -27.28 17.93 -0.12
CA VAL H 6 -26.31 17.06 0.54
C VAL H 6 -26.61 16.93 2.03
N TYR H 7 -27.16 17.98 2.63
CA TYR H 7 -27.51 17.89 4.05
C TYR H 7 -28.73 16.98 4.16
N LYS H 8 -29.70 17.21 3.27
CA LYS H 8 -30.92 16.41 3.24
C LYS H 8 -30.58 14.92 3.08
N VAL H 9 -29.59 14.63 2.23
CA VAL H 9 -29.17 13.26 2.00
C VAL H 9 -28.46 12.72 3.23
N LEU H 10 -27.70 13.58 3.89
CA LEU H 10 -26.96 13.21 5.08
C LEU H 10 -27.88 12.71 6.19
N LYS H 11 -28.89 13.50 6.52
CA LYS H 11 -29.84 13.11 7.58
C LYS H 11 -30.48 11.77 7.21
N GLN H 12 -30.72 11.58 5.91
CA GLN H 12 -31.33 10.37 5.40
C GLN H 12 -30.44 9.16 5.66
N VAL H 13 -29.14 9.37 5.66
CA VAL H 13 -28.18 8.29 5.87
C VAL H 13 -27.67 8.15 7.30
N HIS H 14 -27.39 9.30 7.92
CA HIS H 14 -26.92 9.35 9.30
C HIS H 14 -27.71 10.53 9.89
N PRO H 15 -28.89 10.25 10.47
CA PRO H 15 -29.78 11.24 11.07
C PRO H 15 -29.33 11.77 12.42
N ASP H 16 -28.02 11.84 12.64
CA ASP H 16 -27.51 12.29 13.93
C ASP H 16 -26.07 12.77 13.81
N THR H 17 -25.52 12.62 12.61
CA THR H 17 -24.15 13.01 12.32
C THR H 17 -24.14 14.27 11.46
N GLY H 18 -23.55 15.34 12.00
CA GLY H 18 -23.46 16.60 11.28
C GLY H 18 -22.28 16.67 10.34
N ILE H 19 -22.13 17.78 9.63
CA ILE H 19 -21.03 17.95 8.68
C ILE H 19 -20.51 19.39 8.74
N SER H 20 -19.19 19.55 8.71
CA SER H 20 -18.60 20.90 8.76
C SER H 20 -18.79 21.68 7.48
N SER H 21 -18.67 23.01 7.59
CA SER H 21 -18.83 23.90 6.45
C SER H 21 -17.73 23.60 5.44
N LYS H 22 -16.53 23.38 5.94
CA LYS H 22 -15.36 23.07 5.11
C LYS H 22 -15.55 21.72 4.43
N ALA H 23 -16.16 20.78 5.13
CA ALA H 23 -16.41 19.46 4.58
C ALA H 23 -17.52 19.59 3.57
N MET H 24 -18.43 20.51 3.82
CA MET H 24 -19.55 20.75 2.90
C MET H 24 -18.97 21.33 1.61
N GLY H 25 -17.90 22.10 1.75
CA GLY H 25 -17.26 22.70 0.60
C GLY H 25 -16.80 21.58 -0.30
N ILE H 26 -16.13 20.59 0.29
CA ILE H 26 -15.65 19.43 -0.45
C ILE H 26 -16.80 18.71 -1.17
N MET H 27 -17.86 18.41 -0.44
CA MET H 27 -19.01 17.72 -1.02
C MET H 27 -19.53 18.45 -2.23
N ASN H 28 -19.58 19.77 -2.14
CA ASN H 28 -20.03 20.56 -3.27
C ASN H 28 -19.08 20.40 -4.45
N SER H 29 -17.78 20.35 -4.17
CA SER H 29 -16.81 20.18 -5.23
C SER H 29 -17.01 18.84 -5.92
N PHE H 30 -17.29 17.83 -5.12
CA PHE H 30 -17.53 16.50 -5.60
C PHE H 30 -18.74 16.45 -6.52
N VAL H 31 -19.83 17.06 -6.07
CA VAL H 31 -21.03 17.04 -6.87
C VAL H 31 -20.83 17.70 -8.20
N ASN H 32 -20.20 18.87 -8.20
CA ASN H 32 -19.98 19.57 -9.47
C ASN H 32 -19.02 18.82 -10.36
N ASP H 33 -18.01 18.22 -9.73
CA ASP H 33 -17.03 17.48 -10.48
C ASP H 33 -17.63 16.36 -11.31
N ILE H 34 -18.16 15.35 -10.65
CA ILE H 34 -18.72 14.20 -11.36
C ILE H 34 -19.90 14.56 -12.26
N PHE H 35 -20.47 15.73 -12.02
CA PHE H 35 -21.57 16.21 -12.88
C PHE H 35 -20.91 16.57 -14.20
N GLU H 36 -19.86 17.40 -14.09
CA GLU H 36 -19.07 17.88 -15.22
C GLU H 36 -18.52 16.71 -16.01
N ARG H 37 -18.04 15.70 -15.29
CA ARG H 37 -17.48 14.51 -15.90
C ARG H 37 -18.50 13.73 -16.69
N ILE H 38 -19.63 13.43 -16.05
CA ILE H 38 -20.69 12.65 -16.67
C ILE H 38 -21.34 13.33 -17.85
N ALA H 39 -21.59 14.62 -17.72
CA ALA H 39 -22.21 15.40 -18.79
C ALA H 39 -21.23 15.56 -19.94
N GLY H 40 -19.94 15.54 -19.63
CA GLY H 40 -18.92 15.67 -20.64
C GLY H 40 -18.93 14.45 -21.53
N GLU H 41 -18.91 13.27 -20.92
CA GLU H 41 -18.92 12.02 -21.67
C GLU H 41 -20.24 11.87 -22.38
N ALA H 42 -21.33 12.17 -21.70
CA ALA H 42 -22.65 12.07 -22.30
C ALA H 42 -22.65 12.86 -23.60
N SER H 43 -22.14 14.09 -23.52
CA SER H 43 -22.07 14.99 -24.67
C SER H 43 -21.19 14.44 -25.76
N ARG H 44 -20.10 13.79 -25.34
CA ARG H 44 -19.14 13.19 -26.26
C ARG H 44 -19.83 12.05 -27.01
N LEU H 45 -20.56 11.22 -26.26
CA LEU H 45 -21.29 10.09 -26.83
C LEU H 45 -22.31 10.50 -27.86
N ALA H 46 -22.97 11.63 -27.62
CA ALA H 46 -23.98 12.11 -28.52
C ALA H 46 -23.40 12.60 -29.84
N HIS H 47 -22.28 13.30 -29.79
CA HIS H 47 -21.66 13.78 -31.02
C HIS H 47 -21.15 12.60 -31.86
N TYR H 48 -20.56 11.61 -31.20
CA TYR H 48 -20.05 10.42 -31.89
C TYR H 48 -21.14 9.73 -32.67
N ASN H 49 -22.32 9.66 -32.06
CA ASN H 49 -23.46 9.00 -32.67
C ASN H 49 -24.38 9.98 -33.37
N LYS H 50 -23.77 11.08 -33.78
CA LYS H 50 -24.44 12.15 -34.51
C LYS H 50 -25.90 12.41 -34.09
N ARG H 51 -26.09 12.55 -32.78
CA ARG H 51 -27.41 12.84 -32.20
C ARG H 51 -27.32 14.25 -31.62
N SER H 52 -28.34 15.05 -31.86
CA SER H 52 -28.36 16.42 -31.40
C SER H 52 -28.90 16.58 -29.99
N THR H 53 -29.40 15.48 -29.42
CA THR H 53 -29.95 15.51 -28.08
C THR H 53 -29.32 14.52 -27.10
N ILE H 54 -29.12 14.95 -25.86
CA ILE H 54 -28.57 14.09 -24.82
C ILE H 54 -29.68 13.33 -24.13
N THR H 55 -29.86 12.07 -24.50
CA THR H 55 -30.89 11.22 -23.89
C THR H 55 -30.38 10.67 -22.57
N SER H 56 -31.27 10.03 -21.82
CA SER H 56 -30.90 9.44 -20.55
C SER H 56 -30.05 8.24 -20.90
N ARG H 57 -30.21 7.75 -22.12
CA ARG H 57 -29.43 6.60 -22.56
C ARG H 57 -27.95 6.95 -22.68
N GLU H 58 -27.66 8.25 -22.76
CA GLU H 58 -26.29 8.74 -22.84
C GLU H 58 -25.75 8.91 -21.44
N ILE H 59 -26.60 9.35 -20.52
CA ILE H 59 -26.19 9.53 -19.13
C ILE H 59 -25.78 8.18 -18.55
N GLN H 60 -26.50 7.15 -18.99
CA GLN H 60 -26.27 5.80 -18.53
C GLN H 60 -24.97 5.25 -19.03
N THR H 61 -24.74 5.32 -20.34
CA THR H 61 -23.50 4.84 -20.93
C THR H 61 -22.34 5.65 -20.38
N ALA H 62 -22.56 6.94 -20.18
CA ALA H 62 -21.52 7.78 -19.61
C ALA H 62 -21.17 7.26 -18.22
N VAL H 63 -22.20 6.91 -17.46
CA VAL H 63 -22.02 6.38 -16.10
C VAL H 63 -21.27 5.06 -16.09
N ARG H 64 -21.52 4.23 -17.11
CA ARG H 64 -20.86 2.96 -17.18
C ARG H 64 -19.38 3.19 -17.45
N LEU H 65 -19.11 4.14 -18.33
CA LEU H 65 -17.75 4.46 -18.70
C LEU H 65 -16.93 5.12 -17.62
N LEU H 66 -17.49 6.06 -16.92
CA LEU H 66 -16.72 6.76 -15.91
C LEU H 66 -16.65 6.11 -14.55
N LEU H 67 -17.71 5.42 -14.15
CA LEU H 67 -17.68 4.85 -12.78
C LEU H 67 -17.11 3.45 -12.70
N PRO H 68 -16.39 3.22 -11.58
CA PRO H 68 -15.88 1.89 -11.29
C PRO H 68 -16.94 0.79 -11.29
N GLY H 69 -16.38 -0.41 -11.38
CA GLY H 69 -17.02 -1.71 -11.47
C GLY H 69 -18.45 -1.93 -11.01
N GLU H 70 -18.63 -2.00 -9.74
CA GLU H 70 -19.86 -2.33 -9.12
C GLU H 70 -20.62 -1.07 -8.63
N LEU H 71 -19.85 -0.02 -8.49
CA LEU H 71 -20.23 1.33 -8.10
C LEU H 71 -21.05 1.94 -9.22
N ALA H 72 -20.80 1.43 -10.41
CA ALA H 72 -21.47 1.83 -11.64
C ALA H 72 -22.80 1.12 -11.77
N LYS H 73 -22.83 -0.16 -11.40
CA LYS H 73 -24.04 -0.96 -11.48
C LYS H 73 -25.20 -0.36 -10.67
N HIS H 74 -24.90 0.10 -9.47
CA HIS H 74 -25.91 0.71 -8.61
C HIS H 74 -26.38 2.02 -9.24
N ALA H 75 -25.42 2.86 -9.61
CA ALA H 75 -25.73 4.15 -10.23
C ALA H 75 -26.69 3.98 -11.41
N VAL H 76 -26.56 2.89 -12.15
CA VAL H 76 -27.45 2.64 -13.28
C VAL H 76 -28.82 2.25 -12.76
N SER H 77 -28.82 1.34 -11.78
CA SER H 77 -30.06 0.88 -11.17
C SER H 77 -30.84 2.06 -10.62
N GLU H 78 -30.18 2.83 -9.76
CA GLU H 78 -30.76 4.03 -9.13
C GLU H 78 -31.32 5.01 -10.16
N GLY H 79 -30.58 5.22 -11.24
CA GLY H 79 -31.00 6.12 -12.30
C GLY H 79 -32.19 5.57 -13.04
N THR H 80 -32.17 4.28 -13.36
CA THR H 80 -33.29 3.67 -14.07
C THR H 80 -34.53 3.68 -13.16
N LYS H 81 -34.33 3.32 -11.90
CA LYS H 81 -35.42 3.32 -10.93
C LYS H 81 -36.00 4.71 -10.90
N ALA H 82 -35.13 5.70 -10.74
CA ALA H 82 -35.53 7.11 -10.68
C ALA H 82 -36.23 7.60 -11.94
N VAL H 83 -35.60 7.37 -13.09
CA VAL H 83 -36.18 7.81 -14.36
C VAL H 83 -37.57 7.22 -14.56
N THR H 84 -37.69 5.91 -14.34
CA THR H 84 -38.94 5.20 -14.51
C THR H 84 -40.06 5.71 -13.60
N LYS H 85 -39.75 6.00 -12.35
CA LYS H 85 -40.76 6.53 -11.44
C LYS H 85 -41.30 7.83 -12.03
N TYR H 86 -40.40 8.77 -12.31
CA TYR H 86 -40.73 10.07 -12.88
C TYR H 86 -41.61 9.98 -14.14
N THR H 87 -41.23 9.12 -15.07
CA THR H 87 -41.96 8.94 -16.33
C THR H 87 -43.38 8.42 -16.10
N SER H 88 -43.51 7.40 -15.26
CA SER H 88 -44.80 6.81 -14.95
C SER H 88 -45.54 7.74 -14.02
N SER H 89 -44.83 8.25 -13.02
CA SER H 89 -45.38 9.20 -12.02
C SER H 89 -45.57 10.52 -12.73
N LYS H 90 -46.56 10.59 -13.60
CA LYS H 90 -46.84 11.83 -14.33
C LYS H 90 -47.45 12.87 -13.39
N LYS I 1 -33.67 -38.89 -0.91
CA LYS I 1 -32.99 -37.90 -0.02
C LYS I 1 -32.40 -36.75 -0.83
N SER I 2 -32.23 -35.61 -0.15
CA SER I 2 -31.70 -34.36 -0.72
C SER I 2 -30.33 -34.47 -1.41
N ARG I 3 -30.22 -33.86 -2.59
CA ARG I 3 -28.96 -33.86 -3.33
C ARG I 3 -27.90 -33.04 -2.61
N SER I 4 -28.38 -32.05 -1.85
CA SER I 4 -27.51 -31.16 -1.08
C SER I 4 -26.95 -31.92 0.11
N SER I 5 -27.76 -32.81 0.70
CA SER I 5 -27.31 -33.60 1.85
C SER I 5 -26.47 -34.78 1.40
N ARG I 6 -26.83 -35.40 0.26
CA ARG I 6 -26.07 -36.52 -0.28
C ARG I 6 -24.62 -36.10 -0.55
N ALA I 7 -24.46 -34.84 -0.93
CA ALA I 7 -23.15 -34.26 -1.24
C ALA I 7 -22.54 -33.58 -0.01
N GLY I 8 -23.25 -33.65 1.11
CA GLY I 8 -22.78 -33.04 2.34
C GLY I 8 -22.55 -31.56 2.16
N LEU I 9 -23.57 -30.84 1.70
CA LEU I 9 -23.47 -29.42 1.46
C LEU I 9 -24.65 -28.62 2.00
N GLN I 10 -24.44 -27.31 2.10
CA GLN I 10 -25.45 -26.39 2.55
C GLN I 10 -26.10 -25.74 1.34
N PHE I 11 -25.27 -25.27 0.41
CA PHE I 11 -25.80 -24.63 -0.79
C PHE I 11 -26.65 -25.60 -1.60
N PRO I 12 -27.76 -25.09 -2.16
CA PRO I 12 -28.72 -25.84 -2.97
C PRO I 12 -28.19 -26.37 -4.26
N VAL I 13 -27.89 -27.66 -4.27
CA VAL I 13 -27.39 -28.31 -5.48
C VAL I 13 -28.43 -28.15 -6.59
N GLY I 14 -29.68 -28.44 -6.23
CA GLY I 14 -30.79 -28.35 -7.16
C GLY I 14 -30.89 -27.01 -7.83
N ARG I 15 -30.93 -25.96 -7.01
CA ARG I 15 -31.01 -24.61 -7.54
C ARG I 15 -29.89 -24.34 -8.53
N VAL I 16 -28.66 -24.64 -8.12
CA VAL I 16 -27.50 -24.43 -8.98
C VAL I 16 -27.69 -25.21 -10.26
N HIS I 17 -28.31 -26.39 -10.17
CA HIS I 17 -28.53 -27.20 -11.35
C HIS I 17 -29.50 -26.51 -12.33
N ARG I 18 -30.54 -25.88 -11.77
CA ARG I 18 -31.53 -25.17 -12.58
C ARG I 18 -30.85 -24.02 -13.28
N LEU I 19 -30.13 -23.21 -12.51
CA LEU I 19 -29.43 -22.06 -13.05
C LEU I 19 -28.47 -22.43 -14.18
N LEU I 20 -27.78 -23.56 -14.05
CA LEU I 20 -26.87 -23.98 -15.11
C LEU I 20 -27.61 -24.22 -16.42
N ARG I 21 -28.73 -24.89 -16.40
CA ARG I 21 -29.40 -25.12 -17.69
C ARG I 21 -30.20 -23.88 -18.15
N LYS I 22 -30.96 -23.23 -17.26
CA LYS I 22 -31.81 -22.07 -17.62
C LYS I 22 -30.98 -21.05 -18.38
N GLY I 23 -29.81 -20.75 -17.73
CA GLY I 23 -28.76 -19.80 -18.13
C GLY I 23 -28.30 -19.88 -19.60
N ASN I 24 -28.55 -21.03 -20.20
CA ASN I 24 -28.21 -21.33 -21.58
C ASN I 24 -26.75 -21.30 -21.82
N TYR I 25 -26.10 -21.74 -20.76
CA TYR I 25 -24.65 -21.91 -20.73
C TYR I 25 -24.28 -23.12 -21.57
N ALA I 26 -24.93 -24.23 -21.21
CA ALA I 26 -24.72 -25.50 -21.91
C ALA I 26 -25.92 -26.00 -22.68
N GLU I 27 -25.66 -27.03 -23.42
CA GLU I 27 -26.67 -27.78 -24.19
C GLU I 27 -27.32 -28.73 -23.21
N ARG I 28 -26.48 -29.48 -22.48
CA ARG I 28 -26.89 -30.35 -21.39
C ARG I 28 -25.77 -30.32 -20.33
N VAL I 29 -26.09 -30.03 -19.08
CA VAL I 29 -25.11 -30.03 -17.99
C VAL I 29 -25.18 -31.37 -17.28
N GLY I 30 -24.00 -31.89 -16.97
CA GLY I 30 -23.87 -33.18 -16.29
C GLY I 30 -24.40 -33.21 -14.87
N ALA I 31 -24.29 -34.37 -14.23
CA ALA I 31 -24.78 -34.55 -12.87
C ALA I 31 -23.91 -33.94 -11.77
N GLY I 32 -22.59 -34.08 -11.91
CA GLY I 32 -21.68 -33.57 -10.91
C GLY I 32 -21.40 -32.07 -11.02
N ALA I 33 -21.75 -31.51 -12.16
CA ALA I 33 -21.50 -30.10 -12.37
C ALA I 33 -22.07 -29.21 -11.26
N PRO I 34 -23.40 -29.21 -11.07
CA PRO I 34 -23.94 -28.35 -10.01
C PRO I 34 -23.42 -28.68 -8.62
N VAL I 35 -23.13 -29.95 -8.37
CA VAL I 35 -22.66 -30.33 -7.05
C VAL I 35 -21.25 -29.79 -6.80
N TYR I 36 -20.42 -29.76 -7.85
CA TYR I 36 -19.07 -29.22 -7.74
C TYR I 36 -19.19 -27.70 -7.53
N LEU I 37 -19.95 -27.03 -8.42
CA LEU I 37 -20.13 -25.58 -8.35
C LEU I 37 -20.75 -25.15 -7.03
N ALA I 38 -21.77 -25.86 -6.60
CA ALA I 38 -22.43 -25.55 -5.34
C ALA I 38 -21.40 -25.64 -4.23
N ALA I 39 -20.52 -26.63 -4.35
CA ALA I 39 -19.48 -26.88 -3.38
C ALA I 39 -18.49 -25.73 -3.27
N VAL I 40 -18.06 -25.22 -4.43
CA VAL I 40 -17.11 -24.11 -4.48
C VAL I 40 -17.74 -22.84 -3.95
N LEU I 41 -19.01 -22.64 -4.27
CA LEU I 41 -19.74 -21.46 -3.81
C LEU I 41 -19.81 -21.46 -2.30
N GLU I 42 -20.17 -22.60 -1.72
CA GLU I 42 -20.27 -22.73 -0.28
C GLU I 42 -18.92 -22.51 0.36
N TYR I 43 -17.88 -23.06 -0.24
CA TYR I 43 -16.54 -22.87 0.28
C TYR I 43 -16.17 -21.38 0.37
N LEU I 44 -16.15 -20.70 -0.78
CA LEU I 44 -15.83 -19.27 -0.83
C LEU I 44 -16.71 -18.48 0.15
N THR I 45 -17.98 -18.84 0.25
CA THR I 45 -18.89 -18.16 1.15
C THR I 45 -18.36 -18.27 2.57
N ALA I 46 -18.02 -19.50 2.96
CA ALA I 46 -17.50 -19.78 4.30
C ALA I 46 -16.22 -19.01 4.55
N GLU I 47 -15.34 -18.99 3.55
CA GLU I 47 -14.08 -18.29 3.64
C GLU I 47 -14.23 -16.83 3.98
N ILE I 48 -14.86 -16.06 3.08
CA ILE I 48 -15.03 -14.64 3.31
C ILE I 48 -15.89 -14.37 4.54
N LEU I 49 -16.84 -15.26 4.81
CA LEU I 49 -17.74 -15.11 5.95
C LEU I 49 -16.97 -15.29 7.25
N GLU I 50 -15.95 -16.14 7.21
CA GLU I 50 -15.09 -16.40 8.37
C GLU I 50 -14.28 -15.15 8.69
N LEU I 51 -13.45 -14.73 7.73
CA LEU I 51 -12.63 -13.53 7.87
C LEU I 51 -13.49 -12.32 8.27
N ALA I 52 -14.69 -12.25 7.70
CA ALA I 52 -15.62 -11.16 7.99
C ALA I 52 -16.03 -11.24 9.45
N GLY I 53 -16.41 -12.43 9.88
CA GLY I 53 -16.82 -12.63 11.27
C GLY I 53 -15.72 -12.24 12.23
N ASN I 54 -14.46 -12.51 11.85
CA ASN I 54 -13.33 -12.17 12.69
C ASN I 54 -13.28 -10.67 12.87
N ALA I 55 -13.27 -9.93 11.76
CA ALA I 55 -13.21 -8.47 11.80
C ALA I 55 -14.37 -7.89 12.62
N ALA I 56 -15.50 -8.56 12.64
CA ALA I 56 -16.65 -8.09 13.39
C ALA I 56 -16.34 -8.13 14.88
N ARG I 57 -15.69 -9.22 15.29
CA ARG I 57 -15.32 -9.41 16.69
C ARG I 57 -14.23 -8.41 17.06
N ASP I 58 -13.18 -8.38 16.25
CA ASP I 58 -12.04 -7.49 16.47
C ASP I 58 -12.40 -6.07 16.80
N ASN I 59 -13.44 -5.53 16.17
CA ASN I 59 -13.89 -4.17 16.47
C ASN I 59 -14.51 -4.28 17.85
N LYS I 60 -15.81 -4.65 17.86
CA LYS I 60 -16.52 -4.83 19.11
C LYS I 60 -17.90 -5.51 18.91
N LYS I 61 -18.33 -5.67 17.67
CA LYS I 61 -19.68 -6.20 17.40
C LYS I 61 -19.91 -7.69 17.24
N THR I 62 -21.23 -8.03 17.18
CA THR I 62 -21.73 -9.41 16.98
C THR I 62 -22.35 -9.56 15.60
N ARG I 63 -22.88 -8.46 15.03
CA ARG I 63 -23.48 -8.51 13.68
C ARG I 63 -22.42 -8.08 12.67
N ILE I 64 -22.33 -8.81 11.56
CA ILE I 64 -21.38 -8.49 10.49
C ILE I 64 -22.01 -7.49 9.54
N ILE I 65 -21.41 -6.31 9.44
CA ILE I 65 -21.91 -5.32 8.51
C ILE I 65 -20.93 -5.22 7.36
N PRO I 66 -21.38 -4.67 6.21
CA PRO I 66 -20.53 -4.54 5.02
C PRO I 66 -19.07 -4.16 5.29
N ARG I 67 -18.84 -3.22 6.20
CA ARG I 67 -17.49 -2.80 6.56
C ARG I 67 -16.61 -4.00 6.85
N HIS I 68 -17.19 -5.00 7.49
CA HIS I 68 -16.44 -6.19 7.84
C HIS I 68 -16.12 -6.97 6.60
N LEU I 69 -17.11 -7.17 5.73
CA LEU I 69 -16.86 -7.88 4.48
C LEU I 69 -15.72 -7.17 3.77
N GLN I 70 -15.85 -5.85 3.67
CA GLN I 70 -14.83 -5.04 3.02
C GLN I 70 -13.45 -5.28 3.66
N LEU I 71 -13.30 -4.85 4.91
CA LEU I 71 -12.04 -5.01 5.66
C LEU I 71 -11.48 -6.41 5.52
N ALA I 72 -12.38 -7.39 5.48
CA ALA I 72 -12.04 -8.79 5.36
C ALA I 72 -11.45 -9.08 4.00
N ILE I 73 -12.22 -8.78 2.97
CA ILE I 73 -11.82 -9.00 1.58
C ILE I 73 -10.51 -8.30 1.21
N ARG I 74 -10.40 -7.04 1.61
CA ARG I 74 -9.23 -6.26 1.27
C ARG I 74 -7.97 -6.70 1.99
N ASN I 75 -8.13 -7.21 3.21
CA ASN I 75 -6.96 -7.64 3.95
C ASN I 75 -6.38 -8.98 3.56
N ASP I 76 -7.21 -9.90 3.07
CA ASP I 76 -6.71 -11.18 2.58
C ASP I 76 -6.20 -10.81 1.20
N GLU I 77 -4.92 -11.06 0.97
CA GLU I 77 -4.29 -10.75 -0.31
C GLU I 77 -4.90 -11.54 -1.46
N GLU I 78 -5.26 -12.79 -1.19
CA GLU I 78 -5.83 -13.66 -2.20
C GLU I 78 -7.27 -13.33 -2.60
N LEU I 79 -8.08 -12.98 -1.61
CA LEU I 79 -9.49 -12.63 -1.81
C LEU I 79 -9.58 -11.26 -2.47
N ASN I 80 -8.61 -10.40 -2.19
CA ASN I 80 -8.54 -9.07 -2.77
C ASN I 80 -8.36 -9.10 -4.29
N LYS I 81 -7.70 -10.15 -4.80
CA LYS I 81 -7.50 -10.28 -6.24
C LYS I 81 -8.81 -10.67 -6.90
N LEU I 82 -9.45 -11.68 -6.32
CA LEU I 82 -10.71 -12.20 -6.83
C LEU I 82 -11.77 -11.11 -6.97
N LEU I 83 -11.95 -10.35 -5.90
CA LEU I 83 -12.92 -9.27 -5.87
C LEU I 83 -12.18 -7.96 -6.03
N GLY I 84 -11.28 -7.92 -7.01
CA GLY I 84 -10.47 -6.73 -7.27
C GLY I 84 -11.26 -5.57 -7.82
N LYS I 85 -12.07 -5.84 -8.83
CA LYS I 85 -12.88 -4.81 -9.45
C LYS I 85 -14.32 -4.89 -8.94
N VAL I 86 -14.46 -5.14 -7.65
CA VAL I 86 -15.77 -5.24 -7.02
C VAL I 86 -15.90 -4.12 -6.01
N THR I 87 -17.08 -3.52 -5.95
CA THR I 87 -17.33 -2.43 -5.01
C THR I 87 -18.35 -2.87 -3.97
N ILE I 88 -17.93 -2.89 -2.72
CA ILE I 88 -18.79 -3.29 -1.62
C ILE I 88 -19.57 -2.07 -1.18
N ALA I 89 -20.88 -2.10 -1.42
CA ALA I 89 -21.75 -1.00 -1.02
C ALA I 89 -21.69 -0.82 0.48
N GLN I 90 -21.32 0.38 0.90
CA GLN I 90 -21.15 0.73 2.30
C GLN I 90 -19.99 0.00 2.90
N GLY I 91 -19.08 -0.47 2.05
CA GLY I 91 -17.92 -1.17 2.54
C GLY I 91 -16.86 -0.18 3.01
N SER J 1 -32.17 -14.59 -1.49
CA SER J 1 -32.05 -15.63 -2.56
C SER J 1 -31.13 -16.75 -2.09
N TYR J 2 -30.05 -16.39 -1.40
CA TYR J 2 -29.11 -17.37 -0.86
C TYR J 2 -29.07 -17.24 0.65
N SER J 3 -29.65 -16.12 1.12
CA SER J 3 -29.74 -15.78 2.53
C SER J 3 -29.91 -16.97 3.46
N ILE J 4 -30.76 -17.92 3.08
CA ILE J 4 -30.98 -19.13 3.88
C ILE J 4 -29.63 -19.81 4.12
N TYR J 5 -29.04 -20.26 3.00
CA TYR J 5 -27.76 -20.95 2.95
C TYR J 5 -26.62 -20.17 3.56
N VAL J 6 -26.41 -18.94 3.10
CA VAL J 6 -25.32 -18.14 3.65
C VAL J 6 -25.47 -17.99 5.16
N TYR J 7 -26.70 -17.98 5.66
CA TYR J 7 -26.88 -17.87 7.11
C TYR J 7 -26.50 -19.22 7.70
N LYS J 8 -26.96 -20.30 7.07
CA LYS J 8 -26.65 -21.66 7.50
C LYS J 8 -25.14 -21.86 7.57
N VAL J 9 -24.43 -21.34 6.58
CA VAL J 9 -22.98 -21.45 6.53
C VAL J 9 -22.35 -20.60 7.63
N LEU J 10 -22.95 -19.44 7.88
CA LEU J 10 -22.45 -18.53 8.91
C LEU J 10 -22.43 -19.18 10.29
N LYS J 11 -23.57 -19.74 10.69
CA LYS J 11 -23.66 -20.38 12.01
C LYS J 11 -22.60 -21.50 12.10
N GLN J 12 -22.38 -22.17 10.97
CA GLN J 12 -21.43 -23.26 10.88
C GLN J 12 -20.01 -22.76 11.16
N VAL J 13 -19.73 -21.51 10.78
CA VAL J 13 -18.41 -20.93 10.96
C VAL J 13 -18.25 -20.07 12.21
N HIS J 14 -19.28 -19.27 12.50
CA HIS J 14 -19.31 -18.41 13.67
C HIS J 14 -20.74 -18.57 14.19
N PRO J 15 -20.96 -19.54 15.09
CA PRO J 15 -22.27 -19.85 15.68
C PRO J 15 -22.73 -18.87 16.74
N ASP J 16 -22.37 -17.59 16.59
CA ASP J 16 -22.72 -16.59 17.60
C ASP J 16 -22.65 -15.19 17.03
N THR J 17 -22.19 -15.11 15.79
CA THR J 17 -22.02 -13.85 15.08
C THR J 17 -23.09 -13.71 14.01
N GLY J 18 -23.93 -12.68 14.15
CA GLY J 18 -25.00 -12.42 13.20
C GLY J 18 -24.53 -11.62 11.99
N ILE J 19 -25.44 -11.37 11.05
CA ILE J 19 -25.11 -10.62 9.85
C ILE J 19 -26.26 -9.68 9.48
N SER J 20 -25.93 -8.45 9.09
CA SER J 20 -26.97 -7.49 8.71
C SER J 20 -27.63 -7.80 7.38
N SER J 21 -28.82 -7.26 7.19
CA SER J 21 -29.60 -7.46 5.97
C SER J 21 -28.83 -6.88 4.80
N LYS J 22 -28.23 -5.71 5.02
CA LYS J 22 -27.44 -5.02 4.00
C LYS J 22 -26.19 -5.81 3.68
N ALA J 23 -25.61 -6.45 4.68
CA ALA J 23 -24.42 -7.25 4.50
C ALA J 23 -24.83 -8.52 3.80
N MET J 24 -26.04 -8.96 4.07
CA MET J 24 -26.57 -10.18 3.43
C MET J 24 -26.76 -9.88 1.95
N GLY J 25 -27.11 -8.63 1.66
CA GLY J 25 -27.31 -8.21 0.29
C GLY J 25 -26.01 -8.43 -0.46
N ILE J 26 -24.92 -7.97 0.13
CA ILE J 26 -23.60 -8.12 -0.45
C ILE J 26 -23.26 -9.60 -0.70
N MET J 27 -23.44 -10.42 0.33
CA MET J 27 -23.15 -11.86 0.21
C MET J 27 -23.89 -12.46 -0.95
N ASN J 28 -25.14 -12.06 -1.13
CA ASN J 28 -25.91 -12.57 -2.24
C ASN J 28 -25.31 -12.12 -3.57
N SER J 29 -24.82 -10.89 -3.61
CA SER J 29 -24.21 -10.38 -4.84
C SER J 29 -22.96 -11.20 -5.16
N PHE J 30 -22.21 -11.52 -4.12
CA PHE J 30 -21.00 -12.30 -4.24
C PHE J 30 -21.30 -13.69 -4.81
N VAL J 31 -22.31 -14.34 -4.22
CA VAL J 31 -22.64 -15.68 -4.68
C VAL J 31 -23.04 -15.70 -6.12
N ASN J 32 -23.90 -14.76 -6.52
CA ASN J 32 -24.33 -14.73 -7.91
C ASN J 32 -23.20 -14.39 -8.85
N ASP J 33 -22.35 -13.48 -8.39
CA ASP J 33 -21.23 -13.05 -9.19
C ASP J 33 -20.32 -14.19 -9.60
N ILE J 34 -19.64 -14.79 -8.63
CA ILE J 34 -18.71 -15.86 -8.93
C ILE J 34 -19.36 -17.08 -9.55
N PHE J 35 -20.68 -17.16 -9.43
CA PHE J 35 -21.43 -18.25 -10.06
C PHE J 35 -21.39 -17.96 -11.55
N GLU J 36 -21.79 -16.72 -11.88
CA GLU J 36 -21.84 -16.21 -13.24
C GLU J 36 -20.46 -16.32 -13.89
N ARG J 37 -19.43 -15.99 -13.12
CA ARG J 37 -18.07 -16.05 -13.60
C ARG J 37 -17.62 -17.45 -13.93
N ILE J 38 -17.83 -18.35 -12.98
CA ILE J 38 -17.42 -19.75 -13.14
C ILE J 38 -18.16 -20.48 -14.23
N ALA J 39 -19.47 -20.25 -14.32
CA ALA J 39 -20.29 -20.90 -15.33
C ALA J 39 -19.96 -20.33 -16.69
N GLY J 40 -19.53 -19.08 -16.72
CA GLY J 40 -19.17 -18.43 -17.96
C GLY J 40 -17.95 -19.09 -18.55
N GLU J 41 -16.90 -19.26 -17.73
CA GLU J 41 -15.67 -19.89 -18.19
C GLU J 41 -15.93 -21.35 -18.50
N ALA J 42 -16.68 -22.02 -17.64
CA ALA J 42 -16.99 -23.42 -17.86
C ALA J 42 -17.59 -23.58 -19.24
N SER J 43 -18.56 -22.71 -19.55
CA SER J 43 -19.25 -22.71 -20.84
C SER J 43 -18.31 -22.42 -21.98
N ARG J 44 -17.36 -21.53 -21.73
CA ARG J 44 -16.36 -21.13 -22.71
C ARG J 44 -15.46 -22.33 -23.02
N LEU J 45 -15.04 -23.03 -21.96
CA LEU J 45 -14.19 -24.21 -22.07
C LEU J 45 -14.83 -25.32 -22.88
N ALA J 46 -16.14 -25.47 -22.71
CA ALA J 46 -16.87 -26.51 -23.42
C ALA J 46 -16.97 -26.24 -24.90
N HIS J 47 -17.22 -24.99 -25.28
CA HIS J 47 -17.31 -24.66 -26.70
C HIS J 47 -15.95 -24.84 -27.39
N TYR J 48 -14.88 -24.41 -26.71
CA TYR J 48 -13.53 -24.54 -27.24
C TYR J 48 -13.20 -25.98 -27.57
N ASN J 49 -13.61 -26.87 -26.67
CA ASN J 49 -13.35 -28.29 -26.83
C ASN J 49 -14.52 -29.02 -27.46
N LYS J 50 -15.28 -28.26 -28.24
CA LYS J 50 -16.43 -28.75 -28.97
C LYS J 50 -17.24 -29.86 -28.26
N ARG J 51 -17.58 -29.58 -27.00
CA ARG J 51 -18.38 -30.49 -26.17
C ARG J 51 -19.71 -29.79 -25.94
N SER J 52 -20.80 -30.54 -26.07
CA SER J 52 -22.13 -29.99 -25.91
C SER J 52 -22.61 -29.99 -24.47
N THR J 53 -21.82 -30.60 -23.59
CA THR J 53 -22.20 -30.69 -22.19
C THR J 53 -21.16 -30.11 -21.21
N ILE J 54 -21.62 -29.43 -20.18
CA ILE J 54 -20.73 -28.87 -19.16
C ILE J 54 -20.50 -29.91 -18.07
N THR J 55 -19.35 -30.58 -18.11
CA THR J 55 -19.00 -31.58 -17.11
C THR J 55 -18.44 -30.88 -15.88
N SER J 56 -18.25 -31.65 -14.81
CA SER J 56 -17.71 -31.12 -13.58
C SER J 56 -16.24 -30.84 -13.88
N ARG J 57 -15.72 -31.51 -14.90
CA ARG J 57 -14.33 -31.31 -15.28
C ARG J 57 -14.11 -29.90 -15.83
N GLU J 58 -15.20 -29.26 -16.25
CA GLU J 58 -15.16 -27.90 -16.76
C GLU J 58 -15.27 -26.93 -15.61
N ILE J 59 -16.07 -27.27 -14.62
CA ILE J 59 -16.23 -26.41 -13.45
C ILE J 59 -14.89 -26.30 -12.73
N GLN J 60 -14.16 -27.41 -12.74
CA GLN J 60 -12.87 -27.48 -12.10
C GLN J 60 -11.84 -26.63 -12.78
N THR J 61 -11.70 -26.82 -14.10
CA THR J 61 -10.74 -26.03 -14.87
C THR J 61 -11.13 -24.56 -14.80
N ALA J 62 -12.43 -24.29 -14.82
CA ALA J 62 -12.90 -22.93 -14.72
C ALA J 62 -12.43 -22.34 -13.39
N VAL J 63 -12.55 -23.14 -12.33
CA VAL J 63 -12.14 -22.74 -10.98
C VAL J 63 -10.65 -22.47 -10.90
N ARG J 64 -9.87 -23.26 -11.63
CA ARG J 64 -8.43 -23.09 -11.60
C ARG J 64 -8.09 -21.78 -12.27
N LEU J 65 -8.79 -21.50 -13.37
CA LEU J 65 -8.55 -20.29 -14.13
C LEU J 65 -8.97 -19.02 -13.45
N LEU J 66 -10.14 -19.01 -12.84
CA LEU J 66 -10.61 -17.79 -12.22
C LEU J 66 -10.12 -17.51 -10.82
N LEU J 67 -9.91 -18.56 -10.03
CA LEU J 67 -9.52 -18.30 -8.63
C LEU J 67 -8.02 -18.19 -8.40
N PRO J 68 -7.66 -17.26 -7.48
CA PRO J 68 -6.27 -17.14 -7.06
C PRO J 68 -5.64 -18.44 -6.57
N GLY J 69 -4.31 -18.34 -6.55
CA GLY J 69 -3.32 -19.35 -6.22
C GLY J 69 -3.68 -20.57 -5.37
N GLU J 70 -3.82 -20.35 -4.12
CA GLU J 70 -4.02 -21.38 -3.15
C GLU J 70 -5.50 -21.52 -2.75
N LEU J 71 -6.22 -20.45 -3.03
CA LEU J 71 -7.64 -20.26 -2.83
C LEU J 71 -8.39 -21.14 -3.81
N ALA J 72 -7.71 -21.45 -4.90
CA ALA J 72 -8.19 -22.29 -5.98
C ALA J 72 -8.00 -23.76 -5.63
N LYS J 73 -6.86 -24.06 -5.00
CA LYS J 73 -6.54 -25.43 -4.60
C LYS J 73 -7.59 -26.03 -3.67
N HIS J 74 -8.04 -25.25 -2.71
CA HIS J 74 -9.06 -25.71 -1.77
C HIS J 74 -10.37 -25.91 -2.50
N ALA J 75 -10.77 -24.90 -3.27
CA ALA J 75 -12.00 -24.97 -4.04
C ALA J 75 -12.08 -26.24 -4.88
N VAL J 76 -10.94 -26.70 -5.39
CA VAL J 76 -10.91 -27.92 -6.19
C VAL J 76 -11.10 -29.11 -5.27
N SER J 77 -10.36 -29.10 -4.16
CA SER J 77 -10.43 -30.17 -3.18
C SER J 77 -11.87 -30.33 -2.70
N GLU J 78 -12.44 -29.23 -2.21
CA GLU J 78 -13.81 -29.18 -1.71
C GLU J 78 -14.83 -29.70 -2.75
N GLY J 79 -14.64 -29.30 -4.00
CA GLY J 79 -15.51 -29.72 -5.07
C GLY J 79 -15.35 -31.20 -5.36
N THR J 80 -14.11 -31.67 -5.41
CA THR J 80 -13.88 -33.10 -5.68
C THR J 80 -14.43 -33.92 -4.50
N LYS J 81 -14.15 -33.47 -3.28
CA LYS J 81 -14.64 -34.15 -2.09
C LYS J 81 -16.15 -34.23 -2.20
N ALA J 82 -16.77 -33.08 -2.47
CA ALA J 82 -18.23 -32.98 -2.60
C ALA J 82 -18.79 -33.84 -3.72
N VAL J 83 -18.24 -33.71 -4.92
CA VAL J 83 -18.73 -34.48 -6.07
C VAL J 83 -18.65 -35.97 -5.78
N THR J 84 -17.51 -36.41 -5.28
CA THR J 84 -17.28 -37.83 -4.97
C THR J 84 -18.25 -38.39 -3.94
N LYS J 85 -18.54 -37.63 -2.89
CA LYS J 85 -19.49 -38.11 -1.88
C LYS J 85 -20.83 -38.36 -2.58
N TYR J 86 -21.35 -37.34 -3.26
CA TYR J 86 -22.61 -37.41 -3.98
C TYR J 86 -22.71 -38.61 -4.93
N THR J 87 -21.68 -38.83 -5.73
CA THR J 87 -21.64 -39.92 -6.70
C THR J 87 -21.70 -41.29 -6.02
N SER J 88 -20.89 -41.47 -4.99
CA SER J 88 -20.84 -42.73 -4.25
C SER J 88 -22.06 -42.81 -3.37
N SER J 89 -22.39 -41.70 -2.71
CA SER J 89 -23.56 -41.59 -1.81
C SER J 89 -24.78 -41.56 -2.71
N LYS J 90 -25.11 -42.70 -3.30
CA LYS J 90 -26.28 -42.79 -4.17
C LYS J 90 -27.56 -42.73 -3.34
#